data_2M1M
#
_entry.id   2M1M
#
_entity_poly.entity_id   1
_entity_poly.type   'polypeptide(L)'
_entity_poly.pdbx_seq_one_letter_code
;HEADVGGIFVKVSMDGAPYLRKIDLRVYGGYSELLKALETMFKLTIGEYSEREGYKGSEYAPTYEDKDGDWMLVGDVPWD
MFVTSCKRLRIMKGTEAKGLGCGVGSH
;
_entity_poly.pdbx_strand_id   A
#
# COMPACT_ATOMS: atom_id res chain seq x y z
N HIS A 1 -17.93 -7.41 -15.25
CA HIS A 1 -16.65 -8.14 -15.43
C HIS A 1 -16.10 -8.58 -14.08
N GLU A 2 -16.64 -9.66 -13.55
CA GLU A 2 -16.20 -10.19 -12.28
C GLU A 2 -15.71 -11.63 -12.43
N ALA A 3 -14.51 -11.77 -12.96
CA ALA A 3 -13.90 -13.07 -13.12
C ALA A 3 -12.47 -13.05 -12.59
N ASP A 4 -12.04 -11.88 -12.14
CA ASP A 4 -10.72 -11.72 -11.57
C ASP A 4 -10.85 -11.08 -10.19
N VAL A 5 -11.33 -11.86 -9.24
CA VAL A 5 -11.48 -11.42 -7.86
C VAL A 5 -10.85 -12.43 -6.91
N GLY A 6 -9.79 -12.02 -6.23
CA GLY A 6 -9.08 -12.91 -5.34
C GLY A 6 -8.29 -13.94 -6.10
N GLY A 7 -7.04 -13.61 -6.39
CA GLY A 7 -6.20 -14.50 -7.14
C GLY A 7 -4.75 -14.20 -6.87
N ILE A 8 -4.39 -12.92 -6.95
CA ILE A 8 -3.06 -12.50 -6.57
C ILE A 8 -3.05 -12.04 -5.14
N PHE A 9 -2.48 -12.87 -4.29
CA PHE A 9 -2.48 -12.63 -2.87
C PHE A 9 -1.23 -11.85 -2.47
N VAL A 10 -1.43 -10.88 -1.59
CA VAL A 10 -0.37 -9.99 -1.19
C VAL A 10 -0.10 -10.20 0.27
N LYS A 11 1.16 -10.17 0.62
CA LYS A 11 1.58 -10.47 1.96
C LYS A 11 2.01 -9.19 2.64
N VAL A 12 1.46 -8.92 3.81
CA VAL A 12 1.63 -7.62 4.44
C VAL A 12 2.21 -7.73 5.85
N SER A 13 3.21 -6.89 6.12
CA SER A 13 3.95 -6.94 7.37
C SER A 13 4.08 -5.53 7.97
N MET A 14 4.27 -5.45 9.28
CA MET A 14 4.43 -4.17 9.97
C MET A 14 5.84 -4.04 10.53
N ASP A 15 6.35 -2.83 10.59
CA ASP A 15 7.70 -2.57 11.08
C ASP A 15 7.66 -1.74 12.34
N GLY A 16 8.54 -2.04 13.28
CA GLY A 16 8.57 -1.33 14.56
C GLY A 16 7.61 -1.96 15.54
N ALA A 17 6.51 -2.48 15.03
CA ALA A 17 5.58 -3.27 15.81
C ALA A 17 5.22 -4.53 15.04
N PRO A 18 5.08 -5.66 15.72
CA PRO A 18 4.76 -6.93 15.07
C PRO A 18 3.29 -7.03 14.66
N TYR A 19 3.05 -7.28 13.38
CA TYR A 19 1.70 -7.52 12.87
C TYR A 19 1.76 -8.43 11.66
N LEU A 20 0.79 -9.31 11.56
CA LEU A 20 0.72 -10.23 10.44
C LEU A 20 -0.67 -10.20 9.82
N ARG A 21 -0.76 -9.56 8.67
CA ARG A 21 -2.01 -9.49 7.92
C ARG A 21 -1.75 -9.96 6.50
N LYS A 22 -2.80 -10.28 5.77
CA LYS A 22 -2.68 -10.71 4.38
C LYS A 22 -3.97 -10.40 3.64
N ILE A 23 -3.85 -10.02 2.38
CA ILE A 23 -5.00 -9.62 1.58
C ILE A 23 -4.76 -9.85 0.10
N ASP A 24 -5.79 -9.62 -0.70
CA ASP A 24 -5.74 -9.80 -2.15
C ASP A 24 -5.92 -8.46 -2.85
N LEU A 25 -5.27 -8.31 -4.01
CA LEU A 25 -5.27 -7.03 -4.72
C LEU A 25 -6.62 -6.75 -5.38
N ARG A 26 -7.23 -7.79 -5.94
CA ARG A 26 -8.45 -7.66 -6.72
C ARG A 26 -9.68 -7.35 -5.89
N VAL A 27 -9.72 -7.81 -4.65
CA VAL A 27 -10.93 -7.74 -3.83
C VAL A 27 -11.40 -6.29 -3.54
N TYR A 28 -10.65 -5.30 -4.00
CA TYR A 28 -11.03 -3.92 -3.76
C TYR A 28 -11.72 -3.30 -4.96
N GLY A 29 -11.39 -3.83 -6.15
CA GLY A 29 -11.96 -3.35 -7.39
C GLY A 29 -11.71 -1.87 -7.66
N GLY A 30 -10.81 -1.26 -6.90
CA GLY A 30 -10.53 0.14 -7.07
C GLY A 30 -9.73 0.72 -5.92
N TYR A 31 -9.27 1.95 -6.08
CA TYR A 31 -8.43 2.60 -5.08
C TYR A 31 -9.20 2.97 -3.81
N SER A 32 -10.50 3.23 -3.94
CA SER A 32 -11.31 3.64 -2.80
C SER A 32 -11.24 2.61 -1.68
N GLU A 33 -11.54 1.36 -2.01
CA GLU A 33 -11.52 0.29 -1.03
C GLU A 33 -10.10 -0.08 -0.65
N LEU A 34 -9.17 0.14 -1.58
CA LEU A 34 -7.76 -0.09 -1.29
C LEU A 34 -7.31 0.76 -0.09
N LEU A 35 -7.55 2.05 -0.19
CA LEU A 35 -7.19 2.98 0.87
C LEU A 35 -7.99 2.72 2.14
N LYS A 36 -9.26 2.39 1.94
CA LYS A 36 -10.19 2.15 3.03
C LYS A 36 -9.78 0.91 3.81
N ALA A 37 -9.22 -0.06 3.10
CA ALA A 37 -8.78 -1.31 3.71
C ALA A 37 -7.66 -1.07 4.71
N LEU A 38 -6.73 -0.19 4.36
CA LEU A 38 -5.59 0.10 5.22
C LEU A 38 -6.06 0.69 6.52
N GLU A 39 -6.93 1.68 6.41
CA GLU A 39 -7.57 2.29 7.56
C GLU A 39 -8.23 1.22 8.41
N THR A 40 -8.73 0.19 7.75
CA THR A 40 -9.36 -0.94 8.42
C THR A 40 -8.34 -1.81 9.13
N MET A 41 -7.20 -2.01 8.48
CA MET A 41 -6.22 -3.02 8.90
C MET A 41 -5.75 -2.80 10.33
N PHE A 42 -5.23 -1.61 10.59
CA PHE A 42 -4.64 -1.30 11.90
C PHE A 42 -5.56 -0.43 12.73
N LYS A 43 -6.79 -0.29 12.25
CA LYS A 43 -7.84 0.46 12.94
C LYS A 43 -7.45 1.92 13.15
N LEU A 44 -7.08 2.59 12.06
CA LEU A 44 -6.69 4.00 12.12
C LEU A 44 -6.92 4.66 10.76
N THR A 45 -6.38 5.85 10.56
CA THR A 45 -6.59 6.58 9.32
C THR A 45 -5.27 6.80 8.58
N ILE A 46 -5.17 6.22 7.39
CA ILE A 46 -4.02 6.44 6.52
C ILE A 46 -4.21 7.69 5.68
N GLY A 47 -3.17 8.50 5.58
CA GLY A 47 -3.22 9.64 4.70
C GLY A 47 -3.11 9.22 3.25
N GLU A 48 -3.83 9.91 2.40
CA GLU A 48 -3.94 9.57 0.99
C GLU A 48 -2.66 9.91 0.24
N TYR A 49 -2.60 9.50 -1.02
CA TYR A 49 -1.45 9.79 -1.86
C TYR A 49 -1.50 11.25 -2.31
N SER A 50 -1.10 12.13 -1.42
CA SER A 50 -0.96 13.54 -1.74
C SER A 50 0.06 13.68 -2.87
N GLU A 51 -0.34 14.29 -3.97
CA GLU A 51 0.48 14.26 -5.18
C GLU A 51 1.80 15.00 -5.01
N ARG A 52 1.92 15.74 -3.91
CA ARG A 52 3.14 16.46 -3.63
C ARG A 52 4.24 15.55 -3.06
N GLU A 53 3.93 14.75 -2.04
CA GLU A 53 4.94 13.84 -1.47
C GLU A 53 4.53 12.38 -1.58
N GLY A 54 3.21 12.17 -1.58
CA GLY A 54 2.57 10.86 -1.64
C GLY A 54 3.19 9.75 -0.83
N TYR A 55 4.10 10.04 0.09
CA TYR A 55 4.70 8.98 0.88
C TYR A 55 4.52 9.26 2.37
N LYS A 56 3.85 10.37 2.66
CA LYS A 56 3.69 10.81 4.05
C LYS A 56 2.86 9.82 4.86
N GLY A 57 1.67 9.50 4.35
CA GLY A 57 0.78 8.55 5.03
C GLY A 57 0.38 8.98 6.43
N SER A 58 0.74 10.21 6.81
CA SER A 58 0.60 10.71 8.17
C SER A 58 1.51 9.92 9.12
N GLU A 59 1.06 8.75 9.57
CA GLU A 59 1.87 7.93 10.45
C GLU A 59 2.19 6.60 9.79
N TYR A 60 1.48 6.25 8.73
CA TYR A 60 1.72 5.00 8.01
C TYR A 60 1.70 5.21 6.51
N ALA A 61 2.77 4.77 5.86
CA ALA A 61 2.84 4.81 4.42
C ALA A 61 2.63 3.42 3.85
N PRO A 62 1.45 3.15 3.27
CA PRO A 62 1.21 1.89 2.56
C PRO A 62 2.09 1.76 1.34
N THR A 63 2.90 0.72 1.31
CA THR A 63 3.83 0.53 0.24
C THR A 63 3.67 -0.85 -0.36
N TYR A 64 4.04 -0.97 -1.62
CA TYR A 64 3.86 -2.20 -2.37
C TYR A 64 5.12 -2.51 -3.15
N GLU A 65 5.20 -3.72 -3.68
CA GLU A 65 6.35 -4.11 -4.48
C GLU A 65 5.94 -4.20 -5.94
N ASP A 66 6.54 -3.37 -6.78
CA ASP A 66 6.23 -3.38 -8.21
C ASP A 66 7.04 -4.45 -8.91
N LYS A 67 6.87 -4.60 -10.23
CA LYS A 67 7.57 -5.63 -10.98
C LYS A 67 9.09 -5.42 -10.97
N ASP A 68 9.53 -4.18 -10.81
CA ASP A 68 10.96 -3.87 -10.74
C ASP A 68 11.50 -4.22 -9.36
N GLY A 69 10.59 -4.34 -8.40
CA GLY A 69 10.98 -4.71 -7.05
C GLY A 69 11.19 -3.51 -6.16
N ASP A 70 10.70 -2.36 -6.61
CA ASP A 70 10.82 -1.12 -5.86
C ASP A 70 9.56 -0.87 -5.04
N TRP A 71 9.72 -0.35 -3.84
CA TRP A 71 8.59 -0.10 -2.96
C TRP A 71 8.21 1.37 -2.98
N MET A 72 6.99 1.62 -3.41
CA MET A 72 6.44 2.96 -3.45
C MET A 72 5.13 2.97 -2.68
N LEU A 73 4.56 4.14 -2.45
CA LEU A 73 3.29 4.24 -1.80
C LEU A 73 2.19 4.23 -2.86
N VAL A 74 1.08 3.58 -2.55
CA VAL A 74 -0.02 3.39 -3.51
C VAL A 74 -0.57 4.72 -4.00
N GLY A 75 -0.93 4.75 -5.27
CA GLY A 75 -1.36 5.99 -5.90
C GLY A 75 -0.37 6.45 -6.95
N ASP A 76 0.67 5.65 -7.18
CA ASP A 76 1.66 5.96 -8.21
C ASP A 76 1.14 5.57 -9.59
N VAL A 77 0.84 4.30 -9.76
CA VAL A 77 0.26 3.80 -10.99
C VAL A 77 -1.26 3.72 -10.82
N PRO A 78 -2.03 3.81 -11.93
CA PRO A 78 -3.48 3.68 -11.89
C PRO A 78 -3.86 2.22 -11.70
N TRP A 79 -5.06 2.02 -11.15
CA TRP A 79 -5.52 0.69 -10.74
C TRP A 79 -5.27 -0.38 -11.79
N ASP A 80 -5.66 -0.11 -13.04
CA ASP A 80 -5.65 -1.13 -14.10
C ASP A 80 -4.27 -1.76 -14.26
N MET A 81 -3.23 -0.93 -14.23
CA MET A 81 -1.85 -1.41 -14.35
C MET A 81 -1.34 -1.89 -13.00
N PHE A 82 -1.79 -1.22 -11.95
CA PHE A 82 -1.33 -1.46 -10.59
C PHE A 82 -1.56 -2.90 -10.14
N VAL A 83 -2.78 -3.39 -10.31
CA VAL A 83 -3.18 -4.68 -9.75
C VAL A 83 -2.33 -5.81 -10.32
N THR A 84 -2.03 -5.72 -11.60
CA THR A 84 -1.31 -6.77 -12.29
C THR A 84 0.20 -6.71 -12.03
N SER A 85 0.68 -5.62 -11.43
CA SER A 85 2.11 -5.43 -11.25
C SER A 85 2.56 -5.58 -9.78
N CYS A 86 1.67 -5.26 -8.84
CA CYS A 86 2.01 -5.35 -7.42
C CYS A 86 2.23 -6.81 -7.00
N LYS A 87 3.28 -7.03 -6.22
CA LYS A 87 3.69 -8.37 -5.82
C LYS A 87 3.59 -8.58 -4.32
N ARG A 88 3.97 -7.56 -3.56
CA ARG A 88 4.00 -7.65 -2.11
C ARG A 88 3.46 -6.38 -1.49
N LEU A 89 3.09 -6.47 -0.22
CA LEU A 89 2.39 -5.37 0.44
C LEU A 89 3.00 -5.09 1.80
N ARG A 90 3.44 -3.88 2.02
CA ARG A 90 4.01 -3.52 3.31
C ARG A 90 3.55 -2.13 3.72
N ILE A 91 2.86 -2.05 4.84
CA ILE A 91 2.47 -0.78 5.39
C ILE A 91 3.16 -0.63 6.72
N MET A 92 3.72 0.52 6.98
CA MET A 92 4.50 0.71 8.19
C MET A 92 4.64 2.16 8.57
N LYS A 93 5.03 2.36 9.81
CA LYS A 93 5.15 3.69 10.41
C LYS A 93 6.10 4.61 9.64
N GLY A 94 5.75 5.89 9.67
CA GLY A 94 6.45 6.91 8.91
C GLY A 94 7.92 7.04 9.27
N THR A 95 8.23 6.75 10.51
CA THR A 95 9.61 6.76 11.00
C THR A 95 10.49 5.83 10.17
N GLU A 96 9.89 4.82 9.57
CA GLU A 96 10.64 3.89 8.74
C GLU A 96 10.40 4.19 7.27
N ALA A 97 9.18 4.63 6.95
CA ALA A 97 8.81 4.96 5.58
C ALA A 97 9.63 6.12 5.03
N LYS A 98 10.17 6.93 5.94
CA LYS A 98 11.01 8.06 5.56
C LYS A 98 12.27 7.59 4.85
N GLY A 99 12.60 6.31 5.03
CA GLY A 99 13.76 5.74 4.37
C GLY A 99 13.54 5.55 2.89
N LEU A 100 12.34 5.11 2.51
CA LEU A 100 12.04 4.86 1.11
C LEU A 100 11.20 5.98 0.53
N GLY A 101 11.08 7.08 1.28
CA GLY A 101 10.43 8.26 0.76
C GLY A 101 11.27 8.94 -0.31
N CYS A 102 11.32 8.29 -1.47
CA CYS A 102 12.15 8.71 -2.58
C CYS A 102 11.88 10.14 -3.01
N GLY A 103 12.80 11.01 -2.65
CA GLY A 103 12.77 12.38 -3.09
C GLY A 103 11.70 13.20 -2.43
N VAL A 104 11.84 13.40 -1.12
CA VAL A 104 10.88 14.15 -0.32
C VAL A 104 9.51 13.49 -0.39
N GLY A 105 9.25 12.61 0.57
CA GLY A 105 8.01 11.87 0.55
C GLY A 105 7.41 11.69 1.93
N SER A 106 8.22 11.23 2.87
CA SER A 106 7.71 10.90 4.18
C SER A 106 8.59 11.49 5.28
N HIS A 107 8.00 12.39 6.07
CA HIS A 107 8.61 12.93 7.29
C HIS A 107 9.97 13.57 7.00
N HIS A 1 -18.65 -7.86 -7.43
CA HIS A 1 -20.03 -8.14 -7.91
C HIS A 1 -20.08 -9.45 -8.69
N GLU A 2 -19.06 -9.72 -9.47
CA GLU A 2 -19.05 -10.89 -10.34
C GLU A 2 -18.62 -12.15 -9.59
N ALA A 3 -19.53 -12.65 -8.77
CA ALA A 3 -19.36 -13.91 -8.05
C ALA A 3 -18.06 -13.94 -7.24
N ASP A 4 -17.95 -13.03 -6.29
CA ASP A 4 -16.80 -12.93 -5.38
C ASP A 4 -15.51 -12.61 -6.15
N VAL A 5 -15.02 -11.38 -5.97
CA VAL A 5 -13.85 -10.92 -6.69
C VAL A 5 -12.56 -11.35 -5.98
N GLY A 6 -11.47 -11.39 -6.73
CA GLY A 6 -10.18 -11.78 -6.17
C GLY A 6 -9.30 -12.47 -7.17
N GLY A 7 -7.99 -12.37 -6.99
CA GLY A 7 -7.07 -13.01 -7.90
C GLY A 7 -5.64 -12.60 -7.64
N ILE A 8 -5.46 -11.42 -7.07
CA ILE A 8 -4.13 -10.92 -6.77
C ILE A 8 -3.94 -10.82 -5.26
N PHE A 9 -3.20 -11.75 -4.72
CA PHE A 9 -3.05 -11.88 -3.27
C PHE A 9 -1.62 -11.60 -2.87
N VAL A 10 -1.44 -10.57 -2.07
CA VAL A 10 -0.11 -10.17 -1.66
C VAL A 10 0.04 -10.34 -0.14
N LYS A 11 1.27 -10.34 0.30
CA LYS A 11 1.58 -10.51 1.71
C LYS A 11 1.97 -9.17 2.28
N VAL A 12 1.43 -8.83 3.42
CA VAL A 12 1.69 -7.53 4.03
C VAL A 12 2.19 -7.68 5.46
N SER A 13 3.30 -7.03 5.74
CA SER A 13 3.86 -6.99 7.06
C SER A 13 4.00 -5.53 7.49
N MET A 14 4.00 -5.30 8.79
CA MET A 14 4.05 -3.95 9.32
C MET A 14 5.45 -3.63 9.83
N ASP A 15 5.88 -2.39 9.60
CA ASP A 15 7.17 -1.94 10.10
C ASP A 15 6.96 -0.91 11.22
N GLY A 16 7.56 -1.19 12.36
CA GLY A 16 7.41 -0.33 13.52
C GLY A 16 6.53 -0.99 14.56
N ALA A 17 5.56 -1.77 14.10
CA ALA A 17 4.75 -2.59 14.97
C ALA A 17 4.59 -3.97 14.35
N PRO A 18 4.58 -5.03 15.16
CA PRO A 18 4.43 -6.39 14.64
C PRO A 18 2.99 -6.71 14.25
N TYR A 19 2.79 -7.08 12.98
CA TYR A 19 1.49 -7.51 12.48
C TYR A 19 1.66 -8.46 11.32
N LEU A 20 0.70 -9.33 11.15
CA LEU A 20 0.71 -10.29 10.06
C LEU A 20 -0.60 -10.21 9.29
N ARG A 21 -0.55 -9.63 8.10
CA ARG A 21 -1.73 -9.49 7.26
C ARG A 21 -1.46 -10.03 5.85
N LYS A 22 -2.52 -10.41 5.15
CA LYS A 22 -2.44 -10.76 3.73
C LYS A 22 -3.75 -10.39 3.06
N ILE A 23 -3.67 -9.68 1.95
CA ILE A 23 -4.87 -9.17 1.30
C ILE A 23 -4.78 -9.25 -0.21
N ASP A 24 -5.89 -8.94 -0.84
CA ASP A 24 -6.00 -8.95 -2.29
C ASP A 24 -6.20 -7.53 -2.78
N LEU A 25 -5.37 -7.10 -3.71
CA LEU A 25 -5.38 -5.73 -4.18
C LEU A 25 -6.61 -5.43 -5.02
N ARG A 26 -7.01 -6.38 -5.85
CA ARG A 26 -7.99 -6.11 -6.88
C ARG A 26 -9.41 -6.07 -6.32
N VAL A 27 -9.62 -6.72 -5.17
CA VAL A 27 -10.96 -6.81 -4.58
C VAL A 27 -11.48 -5.45 -4.15
N TYR A 28 -10.60 -4.46 -4.04
CA TYR A 28 -11.00 -3.13 -3.60
C TYR A 28 -11.52 -2.31 -4.77
N GLY A 29 -11.01 -2.64 -5.95
CA GLY A 29 -11.47 -2.01 -7.18
C GLY A 29 -11.28 -0.51 -7.21
N GLY A 30 -10.47 0.01 -6.28
CA GLY A 30 -10.26 1.43 -6.18
C GLY A 30 -9.51 1.80 -4.92
N TYR A 31 -9.06 3.04 -4.84
CA TYR A 31 -8.23 3.50 -3.73
C TYR A 31 -9.03 3.60 -2.44
N SER A 32 -10.30 3.97 -2.56
CA SER A 32 -11.14 4.21 -1.39
C SER A 32 -11.24 2.97 -0.51
N GLU A 33 -11.58 1.84 -1.13
CA GLU A 33 -11.71 0.59 -0.41
C GLU A 33 -10.33 0.04 -0.03
N LEU A 34 -9.35 0.29 -0.88
CA LEU A 34 -7.97 -0.12 -0.61
C LEU A 34 -7.49 0.45 0.72
N LEU A 35 -7.58 1.77 0.84
CA LEU A 35 -7.12 2.48 2.02
C LEU A 35 -7.98 2.13 3.22
N LYS A 36 -9.26 1.94 2.97
CA LYS A 36 -10.23 1.66 4.01
C LYS A 36 -9.92 0.35 4.71
N ALA A 37 -9.57 -0.66 3.92
CA ALA A 37 -9.26 -1.98 4.47
C ALA A 37 -8.12 -1.89 5.47
N LEU A 38 -7.11 -1.11 5.14
CA LEU A 38 -5.92 -0.97 5.98
C LEU A 38 -6.29 -0.31 7.28
N GLU A 39 -6.95 0.83 7.17
CA GLU A 39 -7.47 1.56 8.32
C GLU A 39 -8.32 0.64 9.19
N THR A 40 -8.92 -0.35 8.57
CA THR A 40 -9.68 -1.36 9.28
C THR A 40 -8.76 -2.37 9.97
N MET A 41 -7.75 -2.85 9.24
CA MET A 41 -6.92 -3.96 9.69
C MET A 41 -6.24 -3.67 11.03
N PHE A 42 -5.50 -2.57 11.09
CA PHE A 42 -4.78 -2.21 12.31
C PHE A 42 -5.48 -1.09 13.06
N LYS A 43 -6.68 -0.77 12.59
CA LYS A 43 -7.58 0.20 13.23
C LYS A 43 -6.91 1.56 13.45
N LEU A 44 -6.29 2.10 12.41
CA LEU A 44 -5.70 3.43 12.48
C LEU A 44 -5.91 4.18 11.17
N THR A 45 -5.44 5.42 11.12
CA THR A 45 -5.70 6.27 9.98
C THR A 45 -4.57 6.25 8.95
N ILE A 46 -4.92 5.87 7.73
CA ILE A 46 -3.99 5.90 6.61
C ILE A 46 -4.28 7.11 5.74
N GLY A 47 -3.22 7.81 5.35
CA GLY A 47 -3.40 8.97 4.51
C GLY A 47 -3.37 8.62 3.04
N GLU A 48 -3.83 9.57 2.23
CA GLU A 48 -3.92 9.39 0.79
C GLU A 48 -2.56 9.56 0.10
N TYR A 49 -2.56 9.36 -1.21
CA TYR A 49 -1.36 9.57 -2.01
C TYR A 49 -1.18 11.06 -2.26
N SER A 50 -0.38 11.68 -1.40
CA SER A 50 -0.06 13.10 -1.52
C SER A 50 0.41 13.46 -2.91
N GLU A 51 -0.06 14.60 -3.38
CA GLU A 51 0.28 15.09 -4.70
C GLU A 51 1.72 15.61 -4.75
N ARG A 52 2.33 15.79 -3.58
CA ARG A 52 3.70 16.32 -3.53
C ARG A 52 4.73 15.23 -3.23
N GLU A 53 4.47 14.36 -2.26
CA GLU A 53 5.39 13.24 -1.98
C GLU A 53 4.72 11.90 -2.21
N GLY A 54 3.41 11.89 -2.00
CA GLY A 54 2.60 10.69 -2.12
C GLY A 54 3.05 9.51 -1.29
N TYR A 55 3.98 9.71 -0.38
CA TYR A 55 4.46 8.59 0.43
C TYR A 55 4.35 8.88 1.90
N LYS A 56 3.77 10.04 2.23
CA LYS A 56 3.67 10.46 3.62
C LYS A 56 2.90 9.45 4.48
N GLY A 57 1.85 8.85 3.91
CA GLY A 57 1.02 7.89 4.63
C GLY A 57 0.32 8.47 5.86
N SER A 58 0.63 9.72 6.19
CA SER A 58 0.18 10.36 7.42
C SER A 58 0.88 9.72 8.62
N GLU A 59 0.41 8.56 9.06
CA GLU A 59 1.13 7.82 10.08
C GLU A 59 1.58 6.46 9.56
N TYR A 60 0.95 5.98 8.49
CA TYR A 60 1.36 4.73 7.89
C TYR A 60 1.23 4.79 6.37
N ALA A 61 2.32 4.47 5.71
CA ALA A 61 2.35 4.44 4.26
C ALA A 61 2.29 3.01 3.77
N PRO A 62 1.12 2.57 3.25
CA PRO A 62 1.02 1.27 2.60
C PRO A 62 1.79 1.25 1.29
N THR A 63 2.73 0.34 1.20
CA THR A 63 3.59 0.26 0.05
C THR A 63 3.56 -1.14 -0.54
N TYR A 64 3.95 -1.24 -1.80
CA TYR A 64 3.93 -2.49 -2.51
C TYR A 64 5.32 -2.84 -2.98
N GLU A 65 5.52 -4.09 -3.35
CA GLU A 65 6.78 -4.51 -3.94
C GLU A 65 6.61 -4.65 -5.45
N ASP A 66 7.33 -3.82 -6.19
CA ASP A 66 7.25 -3.82 -7.64
C ASP A 66 8.18 -4.88 -8.22
N LYS A 67 8.39 -4.86 -9.53
CA LYS A 67 9.14 -5.90 -10.21
C LYS A 67 10.61 -5.90 -9.80
N ASP A 68 11.21 -4.71 -9.76
CA ASP A 68 12.62 -4.56 -9.40
C ASP A 68 12.79 -4.60 -7.87
N GLY A 69 11.68 -4.68 -7.16
CA GLY A 69 11.72 -4.69 -5.72
C GLY A 69 11.56 -3.31 -5.12
N ASP A 70 10.93 -2.43 -5.88
CA ASP A 70 10.66 -1.07 -5.42
C ASP A 70 9.51 -1.06 -4.43
N TRP A 71 9.64 -0.28 -3.37
CA TRP A 71 8.58 -0.10 -2.41
C TRP A 71 8.08 1.34 -2.43
N MET A 72 6.86 1.53 -2.87
CA MET A 72 6.24 2.85 -2.88
C MET A 72 4.77 2.69 -2.53
N LEU A 73 4.08 3.80 -2.28
CA LEU A 73 2.68 3.75 -1.92
C LEU A 73 1.84 3.18 -3.05
N VAL A 74 0.71 2.59 -2.69
CA VAL A 74 -0.22 2.11 -3.67
C VAL A 74 -1.03 3.28 -4.21
N GLY A 75 -1.06 3.39 -5.53
CA GLY A 75 -1.61 4.57 -6.15
C GLY A 75 -0.53 5.37 -6.83
N ASP A 76 0.70 4.85 -6.76
CA ASP A 76 1.82 5.47 -7.47
C ASP A 76 1.57 5.44 -8.97
N VAL A 77 1.19 4.28 -9.47
CA VAL A 77 0.80 4.13 -10.86
C VAL A 77 -0.69 3.78 -10.92
N PRO A 78 -1.36 4.05 -12.05
CA PRO A 78 -2.79 3.79 -12.22
C PRO A 78 -3.21 2.38 -11.81
N TRP A 79 -4.29 2.30 -11.03
CA TRP A 79 -4.80 1.07 -10.43
C TRP A 79 -4.71 -0.15 -11.35
N ASP A 80 -5.28 -0.03 -12.55
CA ASP A 80 -5.36 -1.14 -13.50
C ASP A 80 -4.00 -1.81 -13.73
N MET A 81 -2.96 -1.00 -13.88
CA MET A 81 -1.61 -1.52 -14.08
C MET A 81 -0.97 -1.85 -12.75
N PHE A 82 -1.39 -1.14 -11.71
CA PHE A 82 -0.79 -1.26 -10.40
C PHE A 82 -0.95 -2.66 -9.83
N VAL A 83 -2.15 -3.20 -9.94
CA VAL A 83 -2.49 -4.46 -9.28
C VAL A 83 -1.60 -5.60 -9.80
N THR A 84 -1.39 -5.63 -11.10
CA THR A 84 -0.60 -6.68 -11.71
C THR A 84 0.90 -6.42 -11.52
N SER A 85 1.24 -5.17 -11.22
CA SER A 85 2.62 -4.78 -11.00
C SER A 85 3.03 -5.07 -9.55
N CYS A 86 2.04 -5.18 -8.68
CA CYS A 86 2.29 -5.44 -7.27
C CYS A 86 2.31 -6.93 -6.98
N LYS A 87 3.30 -7.36 -6.23
CA LYS A 87 3.44 -8.78 -5.90
C LYS A 87 3.47 -9.00 -4.38
N ARG A 88 3.95 -8.01 -3.65
CA ARG A 88 3.96 -8.05 -2.18
C ARG A 88 3.59 -6.70 -1.62
N LEU A 89 3.30 -6.67 -0.32
CA LEU A 89 2.82 -5.46 0.31
C LEU A 89 3.49 -5.22 1.66
N ARG A 90 3.84 -3.98 1.94
CA ARG A 90 4.32 -3.60 3.26
C ARG A 90 3.74 -2.26 3.66
N ILE A 91 3.16 -2.20 4.83
CA ILE A 91 2.66 -0.95 5.36
C ILE A 91 3.52 -0.55 6.53
N MET A 92 3.85 0.71 6.62
CA MET A 92 4.83 1.13 7.61
C MET A 92 4.69 2.59 8.01
N LYS A 93 5.04 2.83 9.27
CA LYS A 93 4.89 4.13 9.93
C LYS A 93 5.51 5.27 9.12
N GLY A 94 4.89 6.44 9.25
CA GLY A 94 5.24 7.60 8.46
C GLY A 94 6.67 8.07 8.69
N THR A 95 7.15 7.81 9.89
CA THR A 95 8.53 8.15 10.25
C THR A 95 9.53 7.31 9.47
N GLU A 96 9.05 6.22 8.88
CA GLU A 96 9.90 5.32 8.13
C GLU A 96 9.73 5.55 6.62
N ALA A 97 8.83 6.46 6.27
CA ALA A 97 8.45 6.68 4.88
C ALA A 97 9.62 7.09 3.98
N LYS A 98 10.61 7.76 4.54
CA LYS A 98 11.79 8.16 3.78
C LYS A 98 12.50 6.94 3.20
N GLY A 99 12.29 5.79 3.84
CA GLY A 99 12.94 4.58 3.41
C GLY A 99 12.36 4.01 2.13
N LEU A 100 11.12 4.37 1.81
CA LEU A 100 10.49 3.87 0.59
C LEU A 100 10.49 4.95 -0.49
N GLY A 101 10.54 6.19 -0.05
CA GLY A 101 10.45 7.30 -0.98
C GLY A 101 11.80 7.88 -1.25
N CYS A 102 12.72 7.00 -1.55
CA CYS A 102 14.10 7.40 -1.76
C CYS A 102 14.32 7.99 -3.15
N GLY A 103 13.24 8.13 -3.89
CA GLY A 103 13.33 8.74 -5.18
C GLY A 103 13.04 10.22 -5.12
N VAL A 104 11.87 10.55 -4.60
CA VAL A 104 11.46 11.95 -4.46
C VAL A 104 11.98 12.54 -3.16
N GLY A 105 12.87 11.78 -2.53
CA GLY A 105 13.46 12.19 -1.26
C GLY A 105 12.41 12.44 -0.20
N SER A 106 11.49 11.49 -0.04
CA SER A 106 10.40 11.63 0.91
C SER A 106 10.95 11.86 2.31
N HIS A 107 10.25 12.66 3.09
CA HIS A 107 10.71 13.03 4.41
C HIS A 107 10.10 12.12 5.46
N HIS A 1 -17.22 -11.12 -10.89
CA HIS A 1 -17.77 -11.33 -12.25
C HIS A 1 -16.66 -11.63 -13.25
N GLU A 2 -15.49 -11.04 -13.04
CA GLU A 2 -14.36 -11.28 -13.93
C GLU A 2 -13.33 -12.18 -13.26
N ALA A 3 -13.47 -13.49 -13.47
CA ALA A 3 -12.56 -14.47 -12.90
C ALA A 3 -12.51 -14.39 -11.38
N ASP A 4 -13.69 -14.43 -10.76
CA ASP A 4 -13.83 -14.39 -9.30
C ASP A 4 -13.44 -13.02 -8.74
N VAL A 5 -13.97 -12.68 -7.58
CA VAL A 5 -13.63 -11.42 -6.93
C VAL A 5 -12.45 -11.63 -6.00
N GLY A 6 -11.28 -11.75 -6.60
CA GLY A 6 -10.07 -12.03 -5.85
C GLY A 6 -9.21 -13.06 -6.55
N GLY A 7 -8.02 -13.29 -6.05
CA GLY A 7 -7.18 -14.32 -6.61
C GLY A 7 -5.73 -14.03 -6.35
N ILE A 8 -5.38 -12.75 -6.45
CA ILE A 8 -4.05 -12.32 -6.15
C ILE A 8 -3.95 -11.91 -4.69
N PHE A 9 -3.30 -12.75 -3.92
CA PHE A 9 -3.15 -12.52 -2.50
C PHE A 9 -1.87 -11.74 -2.25
N VAL A 10 -1.96 -10.73 -1.42
CA VAL A 10 -0.80 -9.95 -1.06
C VAL A 10 -0.54 -10.11 0.42
N LYS A 11 0.72 -10.22 0.75
CA LYS A 11 1.12 -10.41 2.13
C LYS A 11 1.68 -9.10 2.63
N VAL A 12 1.28 -8.73 3.84
CA VAL A 12 1.64 -7.42 4.36
C VAL A 12 2.36 -7.52 5.71
N SER A 13 3.51 -6.89 5.78
CA SER A 13 4.36 -6.92 6.97
C SER A 13 4.47 -5.51 7.58
N MET A 14 4.77 -5.47 8.87
CA MET A 14 4.93 -4.20 9.57
C MET A 14 6.39 -3.96 9.95
N ASP A 15 6.81 -2.70 9.92
CA ASP A 15 8.18 -2.35 10.25
C ASP A 15 8.24 -1.56 11.55
N GLY A 16 9.24 -1.85 12.37
CA GLY A 16 9.36 -1.20 13.66
C GLY A 16 8.61 -1.94 14.75
N ALA A 17 7.51 -2.55 14.35
CA ALA A 17 6.78 -3.45 15.23
C ALA A 17 6.43 -4.71 14.47
N PRO A 18 6.44 -5.87 15.12
CA PRO A 18 6.09 -7.13 14.47
C PRO A 18 4.59 -7.29 14.29
N TYR A 19 4.16 -7.46 13.04
CA TYR A 19 2.77 -7.74 12.71
C TYR A 19 2.70 -8.50 11.40
N LEU A 20 1.77 -9.44 11.32
CA LEU A 20 1.59 -10.21 10.10
C LEU A 20 0.13 -10.15 9.64
N ARG A 21 -0.12 -9.41 8.58
CA ARG A 21 -1.46 -9.31 8.02
C ARG A 21 -1.41 -9.71 6.55
N LYS A 22 -2.53 -10.17 6.00
CA LYS A 22 -2.59 -10.48 4.57
C LYS A 22 -3.96 -10.11 4.00
N ILE A 23 -3.96 -9.65 2.75
CA ILE A 23 -5.18 -9.22 2.07
C ILE A 23 -5.10 -9.52 0.58
N ASP A 24 -6.18 -9.24 -0.13
CA ASP A 24 -6.27 -9.58 -1.56
C ASP A 24 -6.28 -8.30 -2.40
N LEU A 25 -5.45 -8.30 -3.43
CA LEU A 25 -5.19 -7.14 -4.26
C LEU A 25 -6.40 -6.74 -5.12
N ARG A 26 -7.16 -7.72 -5.55
CA ARG A 26 -8.23 -7.46 -6.51
C ARG A 26 -9.47 -6.91 -5.85
N VAL A 27 -9.71 -7.31 -4.61
CA VAL A 27 -10.97 -7.02 -3.92
C VAL A 27 -11.17 -5.54 -3.60
N TYR A 28 -10.21 -4.70 -3.94
CA TYR A 28 -10.37 -3.27 -3.69
C TYR A 28 -11.11 -2.62 -4.86
N GLY A 29 -10.94 -3.22 -6.04
CA GLY A 29 -11.63 -2.75 -7.24
C GLY A 29 -11.40 -1.28 -7.56
N GLY A 30 -10.40 -0.69 -6.93
CA GLY A 30 -10.16 0.73 -7.12
C GLY A 30 -9.40 1.32 -5.96
N TYR A 31 -9.04 2.59 -6.07
CA TYR A 31 -8.25 3.26 -5.05
C TYR A 31 -9.03 3.46 -3.76
N SER A 32 -10.34 3.64 -3.87
CA SER A 32 -11.16 3.94 -2.72
C SER A 32 -11.09 2.83 -1.68
N GLU A 33 -11.39 1.61 -2.09
CA GLU A 33 -11.39 0.48 -1.18
C GLU A 33 -9.96 0.07 -0.86
N LEU A 34 -9.04 0.37 -1.77
CA LEU A 34 -7.62 0.15 -1.53
C LEU A 34 -7.17 0.92 -0.30
N LEU A 35 -7.40 2.23 -0.33
CA LEU A 35 -7.02 3.13 0.75
C LEU A 35 -7.88 2.90 2.00
N LYS A 36 -9.15 2.61 1.79
CA LYS A 36 -10.08 2.39 2.89
C LYS A 36 -9.80 1.06 3.60
N ALA A 37 -9.32 0.07 2.85
CA ALA A 37 -8.94 -1.21 3.42
C ALA A 37 -7.88 -1.04 4.50
N LEU A 38 -6.89 -0.18 4.23
CA LEU A 38 -5.83 0.09 5.19
C LEU A 38 -6.44 0.62 6.49
N GLU A 39 -7.25 1.66 6.35
CA GLU A 39 -7.99 2.24 7.46
C GLU A 39 -8.75 1.16 8.21
N THR A 40 -9.18 0.13 7.49
CA THR A 40 -9.88 -0.99 8.08
C THR A 40 -8.94 -1.87 8.88
N MET A 41 -7.78 -2.16 8.29
CA MET A 41 -6.86 -3.17 8.82
C MET A 41 -6.44 -2.89 10.26
N PHE A 42 -5.87 -1.72 10.50
CA PHE A 42 -5.35 -1.39 11.81
C PHE A 42 -6.29 -0.46 12.55
N LYS A 43 -7.48 -0.28 11.96
CA LYS A 43 -8.55 0.51 12.56
C LYS A 43 -8.10 1.94 12.86
N LEU A 44 -7.47 2.56 11.88
CA LEU A 44 -7.02 3.95 12.01
C LEU A 44 -7.14 4.65 10.66
N THR A 45 -6.75 5.91 10.59
CA THR A 45 -7.00 6.70 9.40
C THR A 45 -5.70 7.06 8.67
N ILE A 46 -5.40 6.30 7.62
CA ILE A 46 -4.29 6.62 6.73
C ILE A 46 -4.59 7.91 5.98
N GLY A 47 -3.67 8.85 6.03
CA GLY A 47 -3.83 10.09 5.30
C GLY A 47 -3.66 9.90 3.81
N GLU A 48 -4.37 10.72 3.05
CA GLU A 48 -4.41 10.58 1.60
C GLU A 48 -3.07 10.92 0.96
N TYR A 49 -2.91 10.48 -0.29
CA TYR A 49 -1.70 10.72 -1.06
C TYR A 49 -1.53 12.21 -1.34
N SER A 50 -0.85 12.91 -0.44
CA SER A 50 -0.50 14.30 -0.69
C SER A 50 0.42 14.40 -1.88
N GLU A 51 0.28 15.48 -2.60
CA GLU A 51 1.15 15.71 -3.73
C GLU A 51 2.52 16.19 -3.26
N ARG A 52 2.61 16.62 -1.99
CA ARG A 52 3.82 17.23 -1.49
C ARG A 52 4.86 16.19 -1.07
N GLU A 53 4.49 15.28 -0.16
CA GLU A 53 5.32 14.09 0.06
C GLU A 53 4.49 12.85 -0.21
N GLY A 54 3.20 13.01 0.05
CA GLY A 54 2.21 11.97 -0.08
C GLY A 54 2.55 10.65 0.55
N TYR A 55 3.63 10.58 1.29
CA TYR A 55 4.05 9.31 1.84
C TYR A 55 3.97 9.33 3.37
N LYS A 56 3.42 10.40 3.91
CA LYS A 56 3.24 10.50 5.35
C LYS A 56 2.27 9.43 5.84
N GLY A 57 1.22 9.18 5.04
CA GLY A 57 0.26 8.13 5.36
C GLY A 57 -0.40 8.32 6.71
N SER A 58 -0.39 9.56 7.18
CA SER A 58 -0.69 9.88 8.58
C SER A 58 0.44 9.35 9.45
N GLU A 59 0.37 8.09 9.85
CA GLU A 59 1.50 7.44 10.49
C GLU A 59 1.96 6.24 9.69
N TYR A 60 1.13 5.76 8.78
CA TYR A 60 1.43 4.54 8.04
C TYR A 60 1.44 4.77 6.54
N ALA A 61 2.55 4.40 5.92
CA ALA A 61 2.66 4.46 4.47
C ALA A 61 2.47 3.07 3.88
N PRO A 62 1.30 2.82 3.28
CA PRO A 62 1.04 1.56 2.58
C PRO A 62 1.81 1.48 1.28
N THR A 63 2.66 0.48 1.18
CA THR A 63 3.53 0.35 0.04
C THR A 63 3.41 -1.07 -0.51
N TYR A 64 3.90 -1.27 -1.73
CA TYR A 64 3.78 -2.56 -2.39
C TYR A 64 5.08 -2.91 -3.08
N GLU A 65 5.21 -4.17 -3.45
CA GLU A 65 6.38 -4.64 -4.17
C GLU A 65 6.04 -4.74 -5.64
N ASP A 66 6.68 -3.91 -6.44
CA ASP A 66 6.43 -3.90 -7.88
C ASP A 66 7.17 -5.04 -8.56
N LYS A 67 6.97 -5.16 -9.87
CA LYS A 67 7.62 -6.19 -10.68
C LYS A 67 9.13 -6.25 -10.43
N ASP A 68 9.77 -5.09 -10.35
CA ASP A 68 11.22 -5.03 -10.17
C ASP A 68 11.59 -5.21 -8.70
N GLY A 69 10.61 -5.05 -7.83
CA GLY A 69 10.84 -5.19 -6.40
C GLY A 69 11.08 -3.86 -5.72
N ASP A 70 10.58 -2.79 -6.32
CA ASP A 70 10.67 -1.47 -5.74
C ASP A 70 9.39 -1.16 -4.98
N TRP A 71 9.51 -0.46 -3.86
CA TRP A 71 8.37 -0.22 -2.98
C TRP A 71 7.93 1.24 -3.01
N MET A 72 6.72 1.46 -3.50
CA MET A 72 6.12 2.78 -3.48
C MET A 72 4.74 2.67 -2.85
N LEU A 73 4.04 3.78 -2.73
CA LEU A 73 2.68 3.77 -2.20
C LEU A 73 1.74 2.98 -3.09
N VAL A 74 0.70 2.43 -2.49
CA VAL A 74 -0.34 1.74 -3.23
C VAL A 74 -1.26 2.73 -3.92
N GLY A 75 -1.61 2.41 -5.16
CA GLY A 75 -2.40 3.32 -5.95
C GLY A 75 -1.55 4.35 -6.66
N ASP A 76 -0.24 4.16 -6.58
CA ASP A 76 0.72 5.08 -7.20
C ASP A 76 0.55 5.10 -8.72
N VAL A 77 0.61 3.93 -9.33
CA VAL A 77 0.43 3.82 -10.78
C VAL A 77 -1.01 3.39 -11.08
N PRO A 78 -1.53 3.71 -12.28
CA PRO A 78 -2.92 3.39 -12.68
C PRO A 78 -3.33 1.95 -12.37
N TRP A 79 -4.51 1.83 -11.77
CA TRP A 79 -5.01 0.57 -11.21
C TRP A 79 -4.78 -0.64 -12.12
N ASP A 80 -5.19 -0.53 -13.38
CA ASP A 80 -5.13 -1.66 -14.32
C ASP A 80 -3.72 -2.25 -14.40
N MET A 81 -2.72 -1.38 -14.45
CA MET A 81 -1.33 -1.80 -14.50
C MET A 81 -0.80 -2.09 -13.11
N PHE A 82 -1.44 -1.50 -12.09
CA PHE A 82 -1.00 -1.64 -10.72
C PHE A 82 -1.16 -3.07 -10.25
N VAL A 83 -2.32 -3.65 -10.53
CA VAL A 83 -2.65 -4.97 -10.02
C VAL A 83 -1.67 -6.02 -10.53
N THR A 84 -1.25 -5.86 -11.77
CA THR A 84 -0.32 -6.78 -12.39
C THR A 84 1.11 -6.51 -11.94
N SER A 85 1.32 -5.36 -11.30
CA SER A 85 2.64 -4.96 -10.84
C SER A 85 2.88 -5.34 -9.38
N CYS A 86 1.82 -5.34 -8.57
CA CYS A 86 1.96 -5.60 -7.15
C CYS A 86 2.08 -7.08 -6.86
N LYS A 87 3.09 -7.41 -6.08
CA LYS A 87 3.42 -8.78 -5.75
C LYS A 87 3.30 -9.02 -4.25
N ARG A 88 3.77 -8.04 -3.49
CA ARG A 88 3.78 -8.11 -2.04
C ARG A 88 3.39 -6.77 -1.46
N LEU A 89 3.03 -6.73 -0.20
CA LEU A 89 2.48 -5.53 0.40
C LEU A 89 3.19 -5.20 1.70
N ARG A 90 3.48 -3.93 1.90
CA ARG A 90 4.06 -3.50 3.17
C ARG A 90 3.45 -2.19 3.62
N ILE A 91 2.75 -2.21 4.73
CA ILE A 91 2.29 -0.98 5.33
C ILE A 91 3.06 -0.82 6.61
N MET A 92 3.56 0.37 6.86
CA MET A 92 4.50 0.56 7.95
C MET A 92 4.58 2.01 8.40
N LYS A 93 5.12 2.17 9.59
CA LYS A 93 5.29 3.48 10.20
C LYS A 93 6.13 4.40 9.33
N GLY A 94 5.71 5.66 9.31
CA GLY A 94 6.36 6.69 8.50
C GLY A 94 7.83 6.86 8.81
N THR A 95 8.22 6.44 9.99
CA THR A 95 9.61 6.60 10.45
C THR A 95 10.57 5.80 9.57
N GLU A 96 10.02 4.81 8.87
CA GLU A 96 10.81 4.03 7.91
C GLU A 96 10.52 4.52 6.49
N ALA A 97 9.26 4.84 6.23
CA ALA A 97 8.82 5.26 4.90
C ALA A 97 9.53 6.52 4.43
N LYS A 98 9.96 7.32 5.39
CA LYS A 98 10.68 8.56 5.10
C LYS A 98 12.03 8.27 4.45
N GLY A 99 12.55 7.06 4.66
CA GLY A 99 13.84 6.71 4.13
C GLY A 99 13.82 6.40 2.65
N LEU A 100 12.75 5.76 2.19
CA LEU A 100 12.67 5.32 0.79
C LEU A 100 11.76 6.22 -0.02
N GLY A 101 11.39 7.36 0.55
CA GLY A 101 10.53 8.29 -0.15
C GLY A 101 11.24 8.99 -1.30
N CYS A 102 11.29 8.31 -2.43
CA CYS A 102 11.94 8.85 -3.62
C CYS A 102 10.96 8.91 -4.77
N GLY A 103 10.89 10.09 -5.37
CA GLY A 103 10.01 10.30 -6.50
C GLY A 103 8.65 10.79 -6.05
N VAL A 104 8.62 12.02 -5.55
CA VAL A 104 7.44 12.59 -4.92
C VAL A 104 7.06 11.73 -3.73
N GLY A 105 8.01 11.60 -2.81
CA GLY A 105 7.81 10.81 -1.63
C GLY A 105 8.21 11.57 -0.38
N SER A 106 8.29 10.87 0.73
CA SER A 106 8.64 11.49 1.99
C SER A 106 10.14 11.78 2.03
N HIS A 107 10.48 13.01 2.41
CA HIS A 107 11.86 13.46 2.41
C HIS A 107 12.57 13.04 3.68
N HIS A 1 -18.72 -13.23 -0.78
CA HIS A 1 -17.48 -12.46 -0.49
C HIS A 1 -16.35 -13.37 -0.09
N GLU A 2 -16.50 -14.06 1.04
CA GLU A 2 -15.42 -14.87 1.59
C GLU A 2 -15.30 -16.21 0.87
N ALA A 3 -15.06 -16.12 -0.42
CA ALA A 3 -14.92 -17.29 -1.28
C ALA A 3 -14.74 -16.85 -2.73
N ASP A 4 -15.64 -16.00 -3.17
CA ASP A 4 -15.71 -15.57 -4.57
C ASP A 4 -14.89 -14.32 -4.84
N VAL A 5 -13.86 -14.10 -4.03
CA VAL A 5 -12.97 -12.97 -4.24
C VAL A 5 -11.54 -13.44 -4.32
N GLY A 6 -10.70 -12.69 -5.02
CA GLY A 6 -9.30 -13.04 -5.10
C GLY A 6 -8.84 -13.22 -6.53
N GLY A 7 -7.58 -13.58 -6.69
CA GLY A 7 -6.98 -13.72 -7.99
C GLY A 7 -5.58 -13.18 -7.93
N ILE A 8 -5.46 -12.07 -7.23
CA ILE A 8 -4.17 -11.51 -6.89
C ILE A 8 -4.10 -11.33 -5.37
N PHE A 9 -3.31 -12.17 -4.74
CA PHE A 9 -3.20 -12.16 -3.30
C PHE A 9 -1.91 -11.51 -2.87
N VAL A 10 -1.96 -10.72 -1.80
CA VAL A 10 -0.79 -10.03 -1.31
C VAL A 10 -0.64 -10.25 0.19
N LYS A 11 0.58 -10.18 0.66
CA LYS A 11 0.86 -10.30 2.08
C LYS A 11 1.50 -9.01 2.54
N VAL A 12 1.14 -8.56 3.75
CA VAL A 12 1.62 -7.28 4.25
C VAL A 12 2.30 -7.43 5.60
N SER A 13 3.52 -6.91 5.69
CA SER A 13 4.31 -6.95 6.92
C SER A 13 4.59 -5.55 7.41
N MET A 14 4.83 -5.43 8.71
CA MET A 14 5.09 -4.14 9.33
C MET A 14 6.59 -3.91 9.53
N ASP A 15 7.00 -2.65 9.53
CA ASP A 15 8.41 -2.31 9.68
C ASP A 15 8.61 -1.45 10.94
N GLY A 16 9.46 -1.93 11.83
CA GLY A 16 9.72 -1.23 13.07
C GLY A 16 9.00 -1.86 14.24
N ALA A 17 7.84 -2.42 13.95
CA ALA A 17 7.08 -3.18 14.93
C ALA A 17 6.58 -4.47 14.27
N PRO A 18 6.42 -5.56 15.02
CA PRO A 18 5.91 -6.80 14.45
C PRO A 18 4.39 -6.75 14.25
N TYR A 19 3.96 -6.95 13.02
CA TYR A 19 2.54 -7.03 12.68
C TYR A 19 2.37 -7.87 11.43
N LEU A 20 1.31 -8.65 11.39
CA LEU A 20 1.07 -9.56 10.29
C LEU A 20 -0.34 -9.40 9.75
N ARG A 21 -0.45 -8.78 8.58
CA ARG A 21 -1.71 -8.64 7.88
C ARG A 21 -1.59 -9.20 6.47
N LYS A 22 -2.71 -9.61 5.88
CA LYS A 22 -2.72 -10.08 4.50
C LYS A 22 -4.04 -9.69 3.84
N ILE A 23 -3.97 -9.23 2.61
CA ILE A 23 -5.15 -8.76 1.91
C ILE A 23 -5.13 -9.17 0.45
N ASP A 24 -6.22 -8.88 -0.23
CA ASP A 24 -6.39 -9.25 -1.62
C ASP A 24 -6.44 -7.99 -2.46
N LEU A 25 -5.56 -7.92 -3.46
CA LEU A 25 -5.27 -6.68 -4.15
C LEU A 25 -6.42 -6.23 -5.06
N ARG A 26 -6.96 -7.16 -5.82
CA ARG A 26 -7.93 -6.85 -6.87
C ARG A 26 -9.35 -6.62 -6.32
N VAL A 27 -9.60 -7.06 -5.10
CA VAL A 27 -10.97 -7.12 -4.57
C VAL A 27 -11.48 -5.73 -4.19
N TYR A 28 -10.66 -4.72 -4.35
CA TYR A 28 -11.05 -3.36 -3.99
C TYR A 28 -11.57 -2.59 -5.20
N GLY A 29 -11.05 -2.97 -6.37
CA GLY A 29 -11.48 -2.36 -7.63
C GLY A 29 -11.28 -0.85 -7.67
N GLY A 30 -10.51 -0.31 -6.74
CA GLY A 30 -10.30 1.11 -6.67
C GLY A 30 -9.50 1.50 -5.45
N TYR A 31 -9.03 2.74 -5.42
CA TYR A 31 -8.19 3.23 -4.35
C TYR A 31 -8.95 3.36 -3.03
N SER A 32 -10.23 3.72 -3.11
CA SER A 32 -11.02 3.94 -1.91
C SER A 32 -11.02 2.71 -1.03
N GLU A 33 -11.42 1.58 -1.59
CA GLU A 33 -11.49 0.34 -0.83
C GLU A 33 -10.09 -0.17 -0.51
N LEU A 34 -9.14 0.12 -1.38
CA LEU A 34 -7.74 -0.22 -1.13
C LEU A 34 -7.26 0.45 0.16
N LEU A 35 -7.42 1.75 0.22
CA LEU A 35 -7.00 2.55 1.35
C LEU A 35 -7.84 2.24 2.59
N LYS A 36 -9.13 2.03 2.37
CA LYS A 36 -10.06 1.77 3.46
C LYS A 36 -9.83 0.41 4.10
N ALA A 37 -9.37 -0.56 3.31
CA ALA A 37 -9.04 -1.87 3.84
C ALA A 37 -7.92 -1.76 4.87
N LEU A 38 -6.93 -0.92 4.56
CA LEU A 38 -5.83 -0.68 5.48
C LEU A 38 -6.36 -0.03 6.74
N GLU A 39 -7.08 1.07 6.56
CA GLU A 39 -7.73 1.78 7.66
C GLU A 39 -8.57 0.82 8.49
N THR A 40 -9.10 -0.21 7.83
CA THR A 40 -9.89 -1.23 8.50
C THR A 40 -9.02 -2.12 9.38
N MET A 41 -7.86 -2.48 8.87
CA MET A 41 -7.01 -3.47 9.53
C MET A 41 -6.48 -2.98 10.88
N PHE A 42 -5.82 -1.84 10.86
CA PHE A 42 -5.14 -1.34 12.06
C PHE A 42 -5.95 -0.27 12.77
N LYS A 43 -7.19 -0.13 12.33
CA LYS A 43 -8.17 0.77 12.95
C LYS A 43 -7.65 2.20 13.04
N LEU A 44 -7.12 2.71 11.94
CA LEU A 44 -6.54 4.04 11.93
C LEU A 44 -6.82 4.75 10.62
N THR A 45 -6.27 5.95 10.46
CA THR A 45 -6.50 6.75 9.28
C THR A 45 -5.26 6.82 8.38
N ILE A 46 -5.24 6.01 7.34
CA ILE A 46 -4.21 6.08 6.31
C ILE A 46 -4.49 7.27 5.40
N GLY A 47 -3.52 8.16 5.29
CA GLY A 47 -3.70 9.36 4.49
C GLY A 47 -3.78 9.07 3.00
N GLU A 48 -4.44 9.97 2.28
CA GLU A 48 -4.63 9.83 0.84
C GLU A 48 -3.32 10.02 0.08
N TYR A 49 -3.35 9.73 -1.21
CA TYR A 49 -2.18 9.85 -2.04
C TYR A 49 -1.95 11.31 -2.43
N SER A 50 -1.26 12.01 -1.56
CA SER A 50 -0.82 13.37 -1.82
C SER A 50 0.04 13.42 -3.09
N GLU A 51 -0.21 14.40 -3.94
CA GLU A 51 0.50 14.50 -5.21
C GLU A 51 1.95 14.93 -4.97
N ARG A 52 2.17 15.63 -3.86
CA ARG A 52 3.50 16.12 -3.53
C ARG A 52 4.47 14.99 -3.20
N GLU A 53 4.11 14.12 -2.27
CA GLU A 53 5.01 13.01 -1.93
C GLU A 53 4.36 11.65 -2.11
N GLY A 54 3.04 11.64 -1.93
CA GLY A 54 2.23 10.43 -1.93
C GLY A 54 2.79 9.24 -1.19
N TYR A 55 3.85 9.41 -0.43
CA TYR A 55 4.44 8.30 0.31
C TYR A 55 4.55 8.65 1.78
N LYS A 56 3.99 9.79 2.15
CA LYS A 56 4.13 10.28 3.51
C LYS A 56 3.38 9.38 4.49
N GLY A 57 2.29 8.78 3.99
CA GLY A 57 1.51 7.83 4.77
C GLY A 57 0.81 8.42 5.98
N SER A 58 1.19 9.64 6.36
CA SER A 58 0.73 10.26 7.59
C SER A 58 1.39 9.59 8.79
N GLU A 59 0.87 8.43 9.21
CA GLU A 59 1.56 7.64 10.20
C GLU A 59 1.90 6.26 9.64
N TYR A 60 1.17 5.83 8.63
CA TYR A 60 1.47 4.58 7.95
C TYR A 60 1.42 4.73 6.45
N ALA A 61 2.50 4.38 5.80
CA ALA A 61 2.56 4.43 4.35
C ALA A 61 2.49 3.01 3.80
N PRO A 62 1.33 2.63 3.24
CA PRO A 62 1.20 1.34 2.56
C PRO A 62 2.01 1.31 1.29
N THR A 63 2.94 0.39 1.22
CA THR A 63 3.82 0.29 0.07
C THR A 63 3.76 -1.11 -0.51
N TYR A 64 4.31 -1.28 -1.69
CA TYR A 64 4.25 -2.55 -2.38
C TYR A 64 5.55 -2.78 -3.13
N GLU A 65 5.76 -4.01 -3.56
CA GLU A 65 6.96 -4.37 -4.28
C GLU A 65 6.63 -4.62 -5.74
N ASP A 66 7.26 -3.86 -6.62
CA ASP A 66 7.10 -4.03 -8.07
C ASP A 66 8.04 -5.14 -8.57
N LYS A 67 8.18 -5.29 -9.89
CA LYS A 67 8.94 -6.41 -10.47
C LYS A 67 10.38 -6.34 -10.02
N ASP A 68 10.94 -5.15 -10.18
CA ASP A 68 12.35 -4.92 -9.90
C ASP A 68 12.57 -4.64 -8.42
N GLY A 69 11.54 -4.92 -7.62
CA GLY A 69 11.65 -4.79 -6.18
C GLY A 69 11.52 -3.35 -5.72
N ASP A 70 10.94 -2.51 -6.56
CA ASP A 70 10.75 -1.10 -6.22
C ASP A 70 9.61 -0.94 -5.25
N TRP A 71 9.85 -0.22 -4.17
CA TRP A 71 8.83 0.02 -3.15
C TRP A 71 8.30 1.44 -3.24
N MET A 72 7.01 1.55 -3.46
CA MET A 72 6.32 2.83 -3.46
C MET A 72 5.00 2.66 -2.74
N LEU A 73 4.30 3.74 -2.46
CA LEU A 73 3.03 3.67 -1.79
C LEU A 73 1.97 3.29 -2.81
N VAL A 74 1.03 2.46 -2.40
CA VAL A 74 0.04 1.92 -3.31
C VAL A 74 -0.90 2.99 -3.84
N GLY A 75 -1.07 3.00 -5.14
CA GLY A 75 -1.85 4.02 -5.79
C GLY A 75 -0.99 4.95 -6.62
N ASP A 76 0.29 4.64 -6.72
CA ASP A 76 1.22 5.42 -7.55
C ASP A 76 0.77 5.41 -9.01
N VAL A 77 0.69 4.22 -9.60
CA VAL A 77 0.23 4.08 -10.98
C VAL A 77 -1.25 3.69 -11.00
N PRO A 78 -1.96 3.99 -12.11
CA PRO A 78 -3.38 3.69 -12.25
C PRO A 78 -3.72 2.23 -11.95
N TRP A 79 -4.83 2.08 -11.22
CA TRP A 79 -5.30 0.80 -10.71
C TRP A 79 -5.23 -0.33 -11.72
N ASP A 80 -5.59 -0.04 -12.97
CA ASP A 80 -5.67 -1.08 -14.00
C ASP A 80 -4.33 -1.77 -14.18
N MET A 81 -3.27 -0.99 -14.20
CA MET A 81 -1.93 -1.52 -14.32
C MET A 81 -1.38 -1.93 -12.95
N PHE A 82 -1.87 -1.26 -11.91
CA PHE A 82 -1.32 -1.43 -10.56
C PHE A 82 -1.51 -2.84 -10.04
N VAL A 83 -2.67 -3.43 -10.29
CA VAL A 83 -3.00 -4.72 -9.72
C VAL A 83 -2.01 -5.79 -10.17
N THR A 84 -1.63 -5.72 -11.42
CA THR A 84 -0.69 -6.66 -11.99
C THR A 84 0.74 -6.31 -11.60
N SER A 85 0.94 -5.12 -11.04
CA SER A 85 2.26 -4.65 -10.66
C SER A 85 2.65 -5.07 -9.24
N CYS A 86 1.67 -5.18 -8.34
CA CYS A 86 1.97 -5.46 -6.94
C CYS A 86 1.98 -6.96 -6.65
N LYS A 87 3.10 -7.42 -6.11
CA LYS A 87 3.25 -8.82 -5.78
C LYS A 87 3.50 -9.03 -4.28
N ARG A 88 3.99 -7.99 -3.61
CA ARG A 88 4.15 -8.01 -2.15
C ARG A 88 3.77 -6.67 -1.56
N LEU A 89 3.30 -6.68 -0.32
CA LEU A 89 2.79 -5.47 0.32
C LEU A 89 3.49 -5.21 1.64
N ARG A 90 3.83 -3.96 1.89
CA ARG A 90 4.34 -3.57 3.19
C ARG A 90 3.76 -2.23 3.62
N ILE A 91 3.01 -2.25 4.69
CA ILE A 91 2.50 -1.03 5.30
C ILE A 91 3.29 -0.82 6.56
N MET A 92 3.70 0.38 6.82
CA MET A 92 4.67 0.60 7.87
C MET A 92 4.68 2.01 8.41
N LYS A 93 5.22 2.12 9.62
CA LYS A 93 5.30 3.36 10.37
C LYS A 93 5.98 4.47 9.59
N GLY A 94 5.42 5.67 9.69
CA GLY A 94 5.96 6.83 9.01
C GLY A 94 7.35 7.17 9.49
N THR A 95 7.61 6.82 10.72
CA THR A 95 8.92 7.01 11.34
C THR A 95 9.98 6.17 10.63
N GLU A 96 9.54 5.14 9.92
CA GLU A 96 10.42 4.26 9.18
C GLU A 96 10.40 4.63 7.70
N ALA A 97 9.19 4.80 7.17
CA ALA A 97 8.99 5.09 5.75
C ALA A 97 9.51 6.46 5.37
N LYS A 98 9.65 7.35 6.35
CA LYS A 98 10.06 8.73 6.11
C LYS A 98 11.36 8.82 5.32
N GLY A 99 12.22 7.82 5.47
CA GLY A 99 13.48 7.82 4.76
C GLY A 99 13.31 7.69 3.26
N LEU A 100 12.37 6.85 2.84
CA LEU A 100 12.20 6.56 1.41
C LEU A 100 11.00 7.28 0.83
N GLY A 101 10.03 7.60 1.67
CA GLY A 101 8.80 8.17 1.18
C GLY A 101 8.72 9.64 1.45
N CYS A 102 9.00 9.99 2.68
CA CYS A 102 8.95 11.38 3.09
C CYS A 102 10.18 12.13 2.64
N GLY A 103 11.01 11.47 1.86
CA GLY A 103 12.08 12.13 1.19
C GLY A 103 11.67 12.49 -0.22
N VAL A 104 10.38 12.78 -0.32
CA VAL A 104 9.69 13.14 -1.57
C VAL A 104 10.23 12.39 -2.79
N GLY A 105 9.90 11.11 -2.89
CA GLY A 105 10.27 10.34 -4.06
C GLY A 105 10.95 9.02 -3.75
N SER A 106 10.18 8.05 -3.28
CA SER A 106 10.68 6.70 -3.06
C SER A 106 11.10 6.07 -4.39
N HIS A 107 12.41 5.98 -4.61
CA HIS A 107 12.94 5.35 -5.80
C HIS A 107 13.76 4.13 -5.42
N HIS A 1 -13.13 -13.25 -2.59
CA HIS A 1 -12.09 -14.29 -2.72
C HIS A 1 -12.52 -15.34 -3.75
N GLU A 2 -13.54 -16.12 -3.41
CA GLU A 2 -13.99 -17.20 -4.25
C GLU A 2 -15.21 -16.78 -5.07
N ALA A 3 -14.93 -16.19 -6.24
CA ALA A 3 -15.97 -15.73 -7.17
C ALA A 3 -16.70 -14.49 -6.65
N ASP A 4 -16.43 -14.11 -5.41
CA ASP A 4 -17.00 -12.90 -4.83
C ASP A 4 -16.01 -11.75 -4.96
N VAL A 5 -15.26 -11.77 -6.06
CA VAL A 5 -14.18 -10.81 -6.33
C VAL A 5 -12.97 -11.13 -5.46
N GLY A 6 -11.86 -11.42 -6.12
CA GLY A 6 -10.64 -11.77 -5.42
C GLY A 6 -9.87 -12.84 -6.16
N GLY A 7 -8.57 -12.91 -5.93
CA GLY A 7 -7.75 -13.88 -6.62
C GLY A 7 -6.29 -13.49 -6.59
N ILE A 8 -6.04 -12.20 -6.39
CA ILE A 8 -4.68 -11.71 -6.30
C ILE A 8 -4.34 -11.41 -4.84
N PHE A 9 -3.55 -12.27 -4.26
CA PHE A 9 -3.25 -12.21 -2.85
C PHE A 9 -1.89 -11.60 -2.61
N VAL A 10 -1.83 -10.63 -1.72
CA VAL A 10 -0.60 -9.98 -1.39
C VAL A 10 -0.31 -10.13 0.10
N LYS A 11 0.95 -10.13 0.43
CA LYS A 11 1.38 -10.27 1.80
C LYS A 11 1.86 -8.94 2.30
N VAL A 12 1.46 -8.54 3.50
CA VAL A 12 1.80 -7.22 4.02
C VAL A 12 2.49 -7.33 5.36
N SER A 13 3.66 -6.73 5.45
CA SER A 13 4.47 -6.76 6.66
C SER A 13 4.59 -5.37 7.26
N MET A 14 4.68 -5.30 8.58
CA MET A 14 4.74 -4.03 9.29
C MET A 14 6.16 -3.74 9.76
N ASP A 15 6.40 -2.49 10.17
CA ASP A 15 7.71 -2.11 10.70
C ASP A 15 7.51 -1.33 11.99
N GLY A 16 8.38 -1.56 12.96
CA GLY A 16 8.31 -0.89 14.23
C GLY A 16 7.43 -1.66 15.22
N ALA A 17 6.41 -2.31 14.69
CA ALA A 17 5.58 -3.19 15.51
C ALA A 17 5.31 -4.50 14.79
N PRO A 18 5.34 -5.62 15.53
CA PRO A 18 5.08 -6.95 14.98
C PRO A 18 3.59 -7.22 14.74
N TYR A 19 3.25 -7.63 13.54
CA TYR A 19 1.88 -8.00 13.19
C TYR A 19 1.88 -9.08 12.12
N LEU A 20 0.72 -9.61 11.80
CA LEU A 20 0.58 -10.50 10.67
C LEU A 20 -0.66 -10.15 9.86
N ARG A 21 -0.43 -9.51 8.72
CA ARG A 21 -1.51 -9.05 7.86
C ARG A 21 -1.31 -9.53 6.43
N LYS A 22 -2.38 -10.01 5.80
CA LYS A 22 -2.35 -10.32 4.37
C LYS A 22 -3.70 -9.98 3.75
N ILE A 23 -3.69 -9.46 2.54
CA ILE A 23 -4.90 -9.00 1.88
C ILE A 23 -4.92 -9.33 0.40
N ASP A 24 -6.05 -9.05 -0.24
CA ASP A 24 -6.21 -9.31 -1.67
C ASP A 24 -6.27 -7.99 -2.41
N LEU A 25 -5.41 -7.86 -3.40
CA LEU A 25 -5.17 -6.60 -4.09
C LEU A 25 -6.36 -6.19 -4.95
N ARG A 26 -6.94 -7.15 -5.66
CA ARG A 26 -7.97 -6.86 -6.65
C ARG A 26 -9.32 -6.65 -5.96
N VAL A 27 -9.46 -7.27 -4.80
CA VAL A 27 -10.65 -7.23 -4.00
C VAL A 27 -11.20 -5.81 -3.76
N TYR A 28 -10.35 -4.81 -3.90
CA TYR A 28 -10.76 -3.43 -3.63
C TYR A 28 -11.40 -2.77 -4.85
N GLY A 29 -10.98 -3.24 -6.02
CA GLY A 29 -11.52 -2.73 -7.28
C GLY A 29 -11.25 -1.25 -7.50
N GLY A 30 -10.34 -0.69 -6.72
CA GLY A 30 -10.02 0.71 -6.83
C GLY A 30 -9.34 1.25 -5.60
N TYR A 31 -8.95 2.52 -5.65
CA TYR A 31 -8.24 3.15 -4.54
C TYR A 31 -9.12 3.34 -3.33
N SER A 32 -10.42 3.54 -3.54
CA SER A 32 -11.34 3.84 -2.45
C SER A 32 -11.33 2.74 -1.40
N GLU A 33 -11.57 1.51 -1.82
CA GLU A 33 -11.58 0.38 -0.91
C GLU A 33 -10.18 0.02 -0.48
N LEU A 34 -9.23 0.28 -1.36
CA LEU A 34 -7.80 0.05 -1.07
C LEU A 34 -7.39 0.83 0.17
N LEU A 35 -7.61 2.14 0.13
CA LEU A 35 -7.25 3.03 1.21
C LEU A 35 -8.09 2.75 2.45
N LYS A 36 -9.34 2.42 2.21
CA LYS A 36 -10.30 2.13 3.27
C LYS A 36 -9.89 0.87 4.04
N ALA A 37 -9.29 -0.08 3.32
CA ALA A 37 -8.86 -1.33 3.93
C ALA A 37 -7.72 -1.10 4.90
N LEU A 38 -6.82 -0.19 4.57
CA LEU A 38 -5.66 0.09 5.42
C LEU A 38 -6.13 0.63 6.75
N GLU A 39 -7.01 1.61 6.68
CA GLU A 39 -7.68 2.16 7.84
C GLU A 39 -8.29 1.05 8.69
N THR A 40 -8.74 0.01 8.02
CA THR A 40 -9.34 -1.13 8.67
C THR A 40 -8.29 -2.00 9.35
N MET A 41 -7.11 -2.08 8.73
CA MET A 41 -6.08 -3.03 9.15
C MET A 41 -5.58 -2.76 10.56
N PHE A 42 -5.08 -1.55 10.77
CA PHE A 42 -4.46 -1.18 12.05
C PHE A 42 -5.35 -0.23 12.83
N LYS A 43 -6.57 -0.11 12.35
CA LYS A 43 -7.62 0.65 13.05
C LYS A 43 -7.25 2.13 13.18
N LEU A 44 -6.86 2.75 12.08
CA LEU A 44 -6.47 4.16 12.09
C LEU A 44 -6.70 4.78 10.72
N THR A 45 -6.48 6.08 10.59
CA THR A 45 -6.80 6.78 9.36
C THR A 45 -5.55 7.06 8.52
N ILE A 46 -5.40 6.30 7.43
CA ILE A 46 -4.41 6.59 6.42
C ILE A 46 -4.97 7.52 5.36
N GLY A 47 -4.34 8.67 5.18
CA GLY A 47 -4.77 9.61 4.17
C GLY A 47 -4.37 9.18 2.76
N GLU A 48 -4.96 9.82 1.76
CA GLU A 48 -4.76 9.44 0.36
C GLU A 48 -3.33 9.69 -0.10
N TYR A 49 -3.06 9.22 -1.32
CA TYR A 49 -1.76 9.41 -1.95
C TYR A 49 -1.61 10.85 -2.44
N SER A 50 -1.16 11.71 -1.54
CA SER A 50 -0.83 13.09 -1.88
C SER A 50 0.18 13.12 -3.02
N GLU A 51 -0.13 13.90 -4.05
CA GLU A 51 0.65 13.90 -5.28
C GLU A 51 2.07 14.39 -5.07
N ARG A 52 2.23 15.30 -4.12
CA ARG A 52 3.51 15.96 -3.89
C ARG A 52 4.57 15.04 -3.27
N GLU A 53 4.24 14.35 -2.18
CA GLU A 53 5.20 13.51 -1.50
C GLU A 53 4.73 12.05 -1.47
N GLY A 54 3.41 11.89 -1.48
CA GLY A 54 2.74 10.60 -1.51
C GLY A 54 3.25 9.54 -0.55
N TYR A 55 4.10 9.86 0.40
CA TYR A 55 4.63 8.84 1.29
C TYR A 55 4.38 9.19 2.75
N LYS A 56 3.49 10.14 2.99
CA LYS A 56 3.24 10.58 4.36
C LYS A 56 2.42 9.54 5.12
N GLY A 57 1.45 8.94 4.41
CA GLY A 57 0.65 7.84 4.96
C GLY A 57 -0.11 8.19 6.23
N SER A 58 -0.11 9.46 6.58
CA SER A 58 -0.63 9.92 7.87
C SER A 58 0.20 9.33 9.02
N GLU A 59 -0.13 8.10 9.44
CA GLU A 59 0.69 7.41 10.41
C GLU A 59 1.27 6.12 9.82
N TYR A 60 0.73 5.69 8.70
CA TYR A 60 1.20 4.47 8.06
C TYR A 60 1.26 4.63 6.56
N ALA A 61 2.42 4.36 5.98
CA ALA A 61 2.58 4.45 4.55
C ALA A 61 2.53 3.05 3.95
N PRO A 62 1.40 2.69 3.32
CA PRO A 62 1.28 1.43 2.61
C PRO A 62 2.04 1.45 1.30
N THR A 63 2.97 0.53 1.15
CA THR A 63 3.78 0.46 -0.03
C THR A 63 3.69 -0.93 -0.63
N TYR A 64 3.98 -1.01 -1.91
CA TYR A 64 3.88 -2.27 -2.63
C TYR A 64 5.17 -2.53 -3.38
N GLU A 65 5.35 -3.76 -3.81
CA GLU A 65 6.50 -4.11 -4.61
C GLU A 65 6.08 -4.20 -6.08
N ASP A 66 6.70 -3.39 -6.91
CA ASP A 66 6.34 -3.31 -8.32
C ASP A 66 7.05 -4.39 -9.12
N LYS A 67 6.98 -4.27 -10.45
CA LYS A 67 7.56 -5.25 -11.35
C LYS A 67 9.06 -5.41 -11.11
N ASP A 68 9.75 -4.28 -10.94
CA ASP A 68 11.20 -4.30 -10.76
C ASP A 68 11.55 -4.60 -9.30
N GLY A 69 10.56 -4.47 -8.43
CA GLY A 69 10.75 -4.81 -7.04
C GLY A 69 11.07 -3.61 -6.16
N ASP A 70 10.58 -2.44 -6.54
CA ASP A 70 10.70 -1.25 -5.70
C ASP A 70 9.43 -1.07 -4.89
N TRP A 71 9.52 -0.30 -3.81
CA TRP A 71 8.39 -0.08 -2.93
C TRP A 71 8.07 1.39 -2.80
N MET A 72 6.91 1.78 -3.29
CA MET A 72 6.40 3.12 -3.09
C MET A 72 4.96 3.00 -2.64
N LEU A 73 4.33 4.11 -2.28
CA LEU A 73 2.96 4.04 -1.79
C LEU A 73 2.02 3.51 -2.86
N VAL A 74 0.90 2.99 -2.42
CA VAL A 74 -0.10 2.46 -3.31
C VAL A 74 -0.88 3.61 -3.95
N GLY A 75 -1.08 3.52 -5.25
CA GLY A 75 -1.64 4.63 -5.99
C GLY A 75 -0.60 5.24 -6.89
N ASP A 76 0.59 4.67 -6.86
CA ASP A 76 1.70 5.13 -7.70
C ASP A 76 1.33 5.09 -9.17
N VAL A 77 0.91 3.93 -9.65
CA VAL A 77 0.46 3.79 -11.03
C VAL A 77 -1.04 3.49 -11.08
N PRO A 78 -1.71 3.89 -12.18
CA PRO A 78 -3.15 3.67 -12.36
C PRO A 78 -3.59 2.24 -12.03
N TRP A 79 -4.72 2.13 -11.33
CA TRP A 79 -5.20 0.87 -10.77
C TRP A 79 -5.08 -0.31 -11.74
N ASP A 80 -5.52 -0.11 -12.98
CA ASP A 80 -5.54 -1.18 -13.98
C ASP A 80 -4.17 -1.83 -14.12
N MET A 81 -3.13 -1.01 -14.16
CA MET A 81 -1.76 -1.52 -14.28
C MET A 81 -1.22 -1.90 -12.91
N PHE A 82 -1.77 -1.28 -11.87
CA PHE A 82 -1.25 -1.45 -10.52
C PHE A 82 -1.44 -2.87 -10.03
N VAL A 83 -2.62 -3.43 -10.29
CA VAL A 83 -2.96 -4.75 -9.76
C VAL A 83 -2.01 -5.80 -10.30
N THR A 84 -1.70 -5.72 -11.57
CA THR A 84 -0.83 -6.68 -12.21
C THR A 84 0.65 -6.41 -11.90
N SER A 85 0.93 -5.21 -11.41
CA SER A 85 2.29 -4.80 -11.10
C SER A 85 2.70 -5.13 -9.67
N CYS A 86 1.74 -5.09 -8.74
CA CYS A 86 2.05 -5.34 -7.34
C CYS A 86 2.32 -6.80 -7.09
N LYS A 87 3.37 -7.06 -6.33
CA LYS A 87 3.81 -8.40 -6.04
C LYS A 87 3.74 -8.68 -4.55
N ARG A 88 4.19 -7.73 -3.75
CA ARG A 88 4.18 -7.84 -2.30
C ARG A 88 3.79 -6.52 -1.68
N LEU A 89 3.40 -6.55 -0.41
CA LEU A 89 2.85 -5.37 0.25
C LEU A 89 3.59 -5.11 1.56
N ARG A 90 3.93 -3.85 1.81
CA ARG A 90 4.55 -3.47 3.07
C ARG A 90 3.98 -2.15 3.57
N ILE A 91 3.44 -2.17 4.77
CA ILE A 91 2.91 -0.96 5.39
C ILE A 91 3.65 -0.71 6.68
N MET A 92 3.99 0.54 6.93
CA MET A 92 4.72 0.86 8.14
C MET A 92 4.54 2.30 8.54
N LYS A 93 4.80 2.55 9.83
CA LYS A 93 4.59 3.84 10.45
C LYS A 93 5.28 4.97 9.69
N GLY A 94 4.68 6.16 9.77
CA GLY A 94 5.09 7.29 8.96
C GLY A 94 6.49 7.76 9.26
N THR A 95 6.92 7.52 10.48
CA THR A 95 8.27 7.83 10.89
C THR A 95 9.28 6.92 10.20
N GLU A 96 8.79 5.78 9.69
CA GLU A 96 9.64 4.81 9.01
C GLU A 96 9.53 5.01 7.49
N ALA A 97 8.60 5.86 7.08
CA ALA A 97 8.32 6.11 5.67
C ALA A 97 9.54 6.68 4.94
N LYS A 98 10.43 7.28 5.70
CA LYS A 98 11.65 7.86 5.15
C LYS A 98 12.52 6.78 4.50
N GLY A 99 12.31 5.54 4.90
CA GLY A 99 13.12 4.45 4.40
C GLY A 99 12.50 3.74 3.20
N LEU A 100 11.29 4.13 2.83
CA LEU A 100 10.64 3.51 1.67
C LEU A 100 10.75 4.42 0.46
N GLY A 101 10.92 5.70 0.73
CA GLY A 101 11.03 6.67 -0.34
C GLY A 101 12.47 7.14 -0.48
N CYS A 102 12.98 7.69 0.61
CA CYS A 102 14.37 8.13 0.71
C CYS A 102 14.69 9.18 -0.36
N GLY A 103 14.51 10.43 0.00
CA GLY A 103 14.82 11.51 -0.92
C GLY A 103 13.67 11.84 -1.82
N VAL A 104 13.33 10.90 -2.69
CA VAL A 104 12.20 11.04 -3.57
C VAL A 104 10.91 10.93 -2.76
N GLY A 105 10.23 12.06 -2.65
CA GLY A 105 8.99 12.10 -1.92
C GLY A 105 9.22 12.26 -0.43
N SER A 106 9.56 11.18 0.23
CA SER A 106 9.74 11.18 1.67
C SER A 106 11.07 11.83 2.03
N HIS A 107 11.03 12.73 2.99
CA HIS A 107 12.21 13.47 3.42
C HIS A 107 12.40 13.34 4.91
N HIS A 1 -16.95 -9.19 -11.36
CA HIS A 1 -16.80 -7.86 -12.01
C HIS A 1 -16.91 -6.74 -10.99
N GLU A 2 -17.67 -6.98 -9.93
CA GLU A 2 -17.83 -6.02 -8.85
C GLU A 2 -16.67 -6.17 -7.85
N ALA A 3 -15.52 -5.64 -8.23
CA ALA A 3 -14.28 -5.85 -7.50
C ALA A 3 -13.89 -7.32 -7.57
N ASP A 4 -12.82 -7.70 -6.87
CA ASP A 4 -12.31 -9.06 -6.92
C ASP A 4 -11.90 -9.39 -8.36
N VAL A 5 -11.27 -8.42 -9.00
CA VAL A 5 -10.83 -8.57 -10.39
C VAL A 5 -9.42 -9.12 -10.42
N GLY A 6 -9.31 -10.44 -10.48
CA GLY A 6 -8.01 -11.07 -10.52
C GLY A 6 -7.81 -12.02 -9.37
N GLY A 7 -6.58 -12.45 -9.17
CA GLY A 7 -6.27 -13.40 -8.11
C GLY A 7 -4.97 -13.08 -7.43
N ILE A 8 -4.70 -11.79 -7.25
CA ILE A 8 -3.46 -11.37 -6.63
C ILE A 8 -3.62 -11.30 -5.12
N PHE A 9 -2.89 -12.17 -4.44
CA PHE A 9 -2.86 -12.17 -2.99
C PHE A 9 -1.61 -11.44 -2.53
N VAL A 10 -1.77 -10.53 -1.59
CA VAL A 10 -0.64 -9.77 -1.11
C VAL A 10 -0.40 -10.04 0.36
N LYS A 11 0.85 -10.17 0.71
CA LYS A 11 1.24 -10.33 2.09
C LYS A 11 1.82 -9.02 2.57
N VAL A 12 1.41 -8.58 3.74
CA VAL A 12 1.79 -7.26 4.22
C VAL A 12 2.44 -7.34 5.60
N SER A 13 3.64 -6.80 5.69
CA SER A 13 4.43 -6.89 6.90
C SER A 13 4.59 -5.54 7.56
N MET A 14 4.83 -5.55 8.87
CA MET A 14 4.98 -4.32 9.63
C MET A 14 6.43 -4.14 10.09
N ASP A 15 6.95 -2.94 9.93
CA ASP A 15 8.29 -2.64 10.39
C ASP A 15 8.24 -1.86 11.69
N GLY A 16 9.13 -2.22 12.61
CA GLY A 16 9.18 -1.60 13.92
C GLY A 16 8.35 -2.34 14.95
N ALA A 17 7.26 -2.93 14.50
CA ALA A 17 6.44 -3.79 15.35
C ALA A 17 6.05 -5.07 14.62
N PRO A 18 6.04 -6.20 15.34
CA PRO A 18 5.64 -7.49 14.76
C PRO A 18 4.11 -7.63 14.65
N TYR A 19 3.64 -7.96 13.45
CA TYR A 19 2.22 -8.21 13.21
C TYR A 19 2.05 -9.19 12.06
N LEU A 20 0.85 -9.72 11.90
CA LEU A 20 0.55 -10.60 10.77
C LEU A 20 -0.66 -10.06 10.00
N ARG A 21 -0.39 -9.46 8.85
CA ARG A 21 -1.45 -8.93 7.99
C ARG A 21 -1.30 -9.47 6.56
N LYS A 22 -2.39 -9.92 5.97
CA LYS A 22 -2.40 -10.30 4.55
C LYS A 22 -3.74 -9.92 3.92
N ILE A 23 -3.70 -9.45 2.69
CA ILE A 23 -4.90 -8.96 2.01
C ILE A 23 -4.90 -9.28 0.52
N ASP A 24 -6.00 -8.97 -0.14
CA ASP A 24 -6.18 -9.30 -1.55
C ASP A 24 -6.16 -8.02 -2.37
N LEU A 25 -5.30 -8.00 -3.39
CA LEU A 25 -5.10 -6.81 -4.19
C LEU A 25 -6.34 -6.54 -5.03
N ARG A 26 -6.95 -7.60 -5.50
CA ARG A 26 -7.99 -7.52 -6.49
C ARG A 26 -9.35 -7.11 -5.91
N VAL A 27 -9.53 -7.28 -4.61
CA VAL A 27 -10.86 -7.12 -4.01
C VAL A 27 -11.22 -5.65 -3.77
N TYR A 28 -10.30 -4.73 -4.05
CA TYR A 28 -10.57 -3.33 -3.79
C TYR A 28 -11.31 -2.68 -4.96
N GLY A 29 -11.05 -3.20 -6.16
CA GLY A 29 -11.71 -2.72 -7.37
C GLY A 29 -11.56 -1.22 -7.61
N GLY A 30 -10.63 -0.58 -6.90
CA GLY A 30 -10.42 0.85 -7.04
C GLY A 30 -9.57 1.40 -5.92
N TYR A 31 -9.08 2.63 -6.10
CA TYR A 31 -8.22 3.28 -5.11
C TYR A 31 -8.92 3.45 -3.76
N SER A 32 -10.21 3.75 -3.78
CA SER A 32 -10.94 4.04 -2.56
C SER A 32 -10.94 2.84 -1.62
N GLU A 33 -11.38 1.70 -2.13
CA GLU A 33 -11.45 0.51 -1.31
C GLU A 33 -10.05 0.03 -0.97
N LEU A 34 -9.09 0.36 -1.84
CA LEU A 34 -7.69 0.08 -1.57
C LEU A 34 -7.22 0.83 -0.34
N LEU A 35 -7.38 2.15 -0.37
CA LEU A 35 -6.91 3.03 0.69
C LEU A 35 -7.69 2.81 1.98
N LYS A 36 -8.99 2.62 1.84
CA LYS A 36 -9.87 2.48 3.00
C LYS A 36 -9.65 1.17 3.71
N ALA A 37 -9.30 0.13 2.96
CA ALA A 37 -9.00 -1.18 3.54
C ALA A 37 -7.83 -1.07 4.52
N LEU A 38 -6.84 -0.27 4.15
CA LEU A 38 -5.65 -0.11 4.96
C LEU A 38 -5.99 0.64 6.23
N GLU A 39 -6.68 1.77 6.05
CA GLU A 39 -7.20 2.53 7.18
C GLU A 39 -8.02 1.63 8.10
N THR A 40 -8.62 0.59 7.52
CA THR A 40 -9.35 -0.40 8.28
C THR A 40 -8.41 -1.33 9.06
N MET A 41 -7.33 -1.72 8.40
CA MET A 41 -6.41 -2.73 8.93
C MET A 41 -5.91 -2.37 10.32
N PHE A 42 -5.31 -1.19 10.45
CA PHE A 42 -4.73 -0.75 11.71
C PHE A 42 -5.64 0.24 12.42
N LYS A 43 -6.86 0.37 11.89
CA LYS A 43 -7.91 1.19 12.49
C LYS A 43 -7.48 2.65 12.67
N LEU A 44 -6.86 3.19 11.63
CA LEU A 44 -6.40 4.58 11.67
C LEU A 44 -6.54 5.20 10.29
N THR A 45 -6.01 6.40 10.13
CA THR A 45 -6.18 7.14 8.88
C THR A 45 -4.84 7.30 8.16
N ILE A 46 -4.78 6.79 6.93
CA ILE A 46 -3.59 6.91 6.11
C ILE A 46 -3.60 8.24 5.38
N GLY A 47 -4.80 8.77 5.24
CA GLY A 47 -5.00 10.04 4.59
C GLY A 47 -5.23 9.89 3.10
N GLU A 48 -5.10 11.00 2.41
CA GLU A 48 -5.25 11.02 0.95
C GLU A 48 -3.89 10.82 0.29
N TYR A 49 -3.90 10.46 -0.98
CA TYR A 49 -2.68 10.42 -1.76
C TYR A 49 -2.35 11.83 -2.21
N SER A 50 -1.85 12.62 -1.26
CA SER A 50 -1.46 14.00 -1.51
C SER A 50 -0.59 14.10 -2.74
N GLU A 51 -0.95 14.99 -3.66
CA GLU A 51 -0.28 15.09 -4.93
C GLU A 51 1.15 15.59 -4.77
N ARG A 52 1.44 16.19 -3.62
CA ARG A 52 2.76 16.73 -3.36
C ARG A 52 3.79 15.63 -3.06
N GLU A 53 3.49 14.73 -2.11
CA GLU A 53 4.40 13.62 -1.86
C GLU A 53 3.74 12.26 -2.02
N GLY A 54 2.44 12.23 -1.75
CA GLY A 54 1.66 11.00 -1.76
C GLY A 54 2.25 9.84 -0.98
N TYR A 55 3.27 10.08 -0.17
CA TYR A 55 3.89 9.00 0.58
C TYR A 55 3.89 9.31 2.06
N LYS A 56 3.17 10.38 2.43
CA LYS A 56 3.11 10.80 3.84
C LYS A 56 2.50 9.72 4.72
N GLY A 57 1.34 9.22 4.31
CA GLY A 57 0.68 8.12 5.01
C GLY A 57 0.27 8.42 6.45
N SER A 58 0.50 9.65 6.91
CA SER A 58 0.23 10.03 8.29
C SER A 58 1.19 9.31 9.24
N GLU A 59 0.83 8.10 9.67
CA GLU A 59 1.72 7.30 10.49
C GLU A 59 2.09 6.01 9.76
N TYR A 60 1.46 5.76 8.62
CA TYR A 60 1.72 4.54 7.87
C TYR A 60 1.67 4.80 6.38
N ALA A 61 2.75 4.45 5.69
CA ALA A 61 2.75 4.53 4.24
C ALA A 61 2.62 3.14 3.66
N PRO A 62 1.43 2.82 3.13
CA PRO A 62 1.20 1.54 2.46
C PRO A 62 1.96 1.46 1.16
N THR A 63 2.84 0.49 1.05
CA THR A 63 3.67 0.37 -0.11
C THR A 63 3.62 -1.05 -0.67
N TYR A 64 4.11 -1.20 -1.88
CA TYR A 64 4.08 -2.49 -2.56
C TYR A 64 5.43 -2.72 -3.23
N GLU A 65 5.69 -3.95 -3.62
CA GLU A 65 6.95 -4.28 -4.27
C GLU A 65 6.74 -4.47 -5.76
N ASP A 66 7.45 -3.67 -6.55
CA ASP A 66 7.42 -3.80 -8.01
C ASP A 66 8.42 -4.88 -8.45
N LYS A 67 8.67 -5.02 -9.75
CA LYS A 67 9.55 -6.07 -10.26
C LYS A 67 10.96 -5.84 -9.76
N ASP A 68 11.30 -4.57 -9.66
CA ASP A 68 12.64 -4.16 -9.23
C ASP A 68 12.85 -4.42 -7.74
N GLY A 69 11.75 -4.59 -7.03
CA GLY A 69 11.84 -4.75 -5.59
C GLY A 69 11.69 -3.41 -4.87
N ASP A 70 11.28 -2.40 -5.62
CA ASP A 70 11.13 -1.06 -5.07
C ASP A 70 9.76 -0.90 -4.45
N TRP A 71 9.68 -0.15 -3.35
CA TRP A 71 8.44 0.03 -2.62
C TRP A 71 7.95 1.46 -2.72
N MET A 72 6.80 1.63 -3.35
CA MET A 72 6.13 2.93 -3.42
C MET A 72 4.75 2.81 -2.81
N LEU A 73 4.16 3.92 -2.43
CA LEU A 73 2.86 3.91 -1.80
C LEU A 73 1.80 3.54 -2.83
N VAL A 74 0.83 2.75 -2.39
CA VAL A 74 -0.18 2.21 -3.28
C VAL A 74 -1.09 3.29 -3.84
N GLY A 75 -1.24 3.27 -5.16
CA GLY A 75 -1.97 4.30 -5.83
C GLY A 75 -1.06 5.17 -6.68
N ASP A 76 0.20 4.77 -6.78
CA ASP A 76 1.17 5.52 -7.58
C ASP A 76 0.89 5.37 -9.08
N VAL A 77 0.88 4.13 -9.55
CA VAL A 77 0.63 3.88 -10.98
C VAL A 77 -0.84 3.50 -11.20
N PRO A 78 -1.37 3.73 -12.44
CA PRO A 78 -2.78 3.49 -12.76
C PRO A 78 -3.31 2.14 -12.30
N TRP A 79 -4.48 2.18 -11.65
CA TRP A 79 -5.07 1.03 -10.98
C TRP A 79 -4.98 -0.27 -11.77
N ASP A 80 -5.46 -0.24 -13.01
CA ASP A 80 -5.57 -1.43 -13.84
C ASP A 80 -4.25 -2.19 -13.91
N MET A 81 -3.15 -1.46 -14.04
CA MET A 81 -1.85 -2.06 -14.10
C MET A 81 -1.31 -2.35 -12.70
N PHE A 82 -1.69 -1.50 -11.74
CA PHE A 82 -1.16 -1.57 -10.38
C PHE A 82 -1.42 -2.93 -9.75
N VAL A 83 -2.65 -3.40 -9.88
CA VAL A 83 -3.10 -4.60 -9.15
C VAL A 83 -2.26 -5.81 -9.52
N THR A 84 -2.07 -6.02 -10.81
CA THR A 84 -1.34 -7.17 -11.31
C THR A 84 0.17 -6.95 -11.20
N SER A 85 0.57 -5.70 -10.97
CA SER A 85 1.98 -5.35 -10.94
C SER A 85 2.57 -5.57 -9.54
N CYS A 86 1.71 -5.53 -8.53
CA CYS A 86 2.17 -5.70 -7.14
C CYS A 86 2.39 -7.18 -6.84
N LYS A 87 3.55 -7.48 -6.26
CA LYS A 87 3.87 -8.85 -5.88
C LYS A 87 4.01 -9.00 -4.36
N ARG A 88 4.34 -7.90 -3.68
CA ARG A 88 4.43 -7.90 -2.22
C ARG A 88 3.87 -6.62 -1.66
N LEU A 89 3.42 -6.66 -0.42
CA LEU A 89 2.78 -5.51 0.20
C LEU A 89 3.44 -5.20 1.53
N ARG A 90 3.74 -3.94 1.77
CA ARG A 90 4.25 -3.55 3.07
C ARG A 90 3.66 -2.23 3.53
N ILE A 91 2.94 -2.26 4.63
CA ILE A 91 2.49 -1.04 5.26
C ILE A 91 3.15 -0.98 6.61
N MET A 92 3.69 0.16 6.95
CA MET A 92 4.52 0.26 8.15
C MET A 92 4.62 1.67 8.66
N LYS A 93 5.01 1.78 9.92
CA LYS A 93 5.13 3.03 10.61
C LYS A 93 6.00 4.01 9.86
N GLY A 94 5.59 5.27 9.91
CA GLY A 94 6.27 6.35 9.21
C GLY A 94 7.71 6.49 9.61
N THR A 95 8.01 6.08 10.83
CA THR A 95 9.38 6.08 11.34
C THR A 95 10.28 5.20 10.48
N GLU A 96 9.66 4.22 9.84
CA GLU A 96 10.38 3.26 9.00
C GLU A 96 10.21 3.65 7.53
N ALA A 97 8.96 3.88 7.14
CA ALA A 97 8.59 4.18 5.76
C ALA A 97 9.21 5.48 5.25
N LYS A 98 9.58 6.35 6.17
CA LYS A 98 10.11 7.67 5.83
C LYS A 98 11.29 7.61 4.86
N GLY A 99 12.09 6.55 4.94
CA GLY A 99 13.23 6.42 4.06
C GLY A 99 12.83 6.22 2.61
N LEU A 100 11.78 5.44 2.39
CA LEU A 100 11.34 5.08 1.05
C LEU A 100 10.07 5.81 0.63
N GLY A 101 9.60 6.72 1.47
CA GLY A 101 8.37 7.41 1.15
C GLY A 101 8.13 8.65 1.99
N CYS A 102 7.69 8.45 3.23
CA CYS A 102 7.26 9.54 4.11
C CYS A 102 8.36 10.58 4.31
N GLY A 103 8.27 11.63 3.53
CA GLY A 103 9.24 12.68 3.60
C GLY A 103 10.15 12.66 2.40
N VAL A 104 9.55 12.80 1.22
CA VAL A 104 10.23 12.73 -0.08
C VAL A 104 11.40 11.74 -0.07
N GLY A 105 11.08 10.48 0.19
CA GLY A 105 12.11 9.47 0.31
C GLY A 105 12.07 8.48 -0.83
N SER A 106 11.06 8.61 -1.66
CA SER A 106 10.90 7.71 -2.79
C SER A 106 11.51 8.33 -4.04
N HIS A 107 11.24 7.74 -5.19
CA HIS A 107 11.80 8.20 -6.44
C HIS A 107 11.02 9.41 -6.95
N HIS A 1 -18.76 -18.93 -10.25
CA HIS A 1 -17.60 -18.02 -10.30
C HIS A 1 -17.89 -16.83 -11.20
N GLU A 2 -18.81 -15.98 -10.78
CA GLU A 2 -19.16 -14.78 -11.53
C GLU A 2 -18.43 -13.58 -10.94
N ALA A 3 -17.31 -13.22 -11.57
CA ALA A 3 -16.45 -12.16 -11.08
C ALA A 3 -15.89 -12.50 -9.70
N ASP A 4 -14.90 -13.38 -9.69
CA ASP A 4 -14.30 -13.87 -8.46
C ASP A 4 -13.74 -12.75 -7.61
N VAL A 5 -14.25 -12.65 -6.38
CA VAL A 5 -13.76 -11.67 -5.42
C VAL A 5 -12.43 -12.15 -4.84
N GLY A 6 -11.35 -11.53 -5.29
CA GLY A 6 -10.03 -11.98 -4.88
C GLY A 6 -9.46 -12.99 -5.85
N GLY A 7 -8.16 -13.08 -5.90
CA GLY A 7 -7.50 -13.98 -6.81
C GLY A 7 -6.02 -13.73 -6.85
N ILE A 8 -5.64 -12.49 -6.57
CA ILE A 8 -4.25 -12.13 -6.46
C ILE A 8 -3.98 -11.67 -5.04
N PHE A 9 -3.32 -12.51 -4.29
CA PHE A 9 -3.16 -12.29 -2.86
C PHE A 9 -1.82 -11.67 -2.54
N VAL A 10 -1.81 -10.77 -1.58
CA VAL A 10 -0.59 -10.09 -1.17
C VAL A 10 -0.30 -10.40 0.28
N LYS A 11 0.97 -10.50 0.60
CA LYS A 11 1.40 -10.69 1.96
C LYS A 11 1.89 -9.37 2.50
N VAL A 12 1.38 -8.97 3.65
CA VAL A 12 1.73 -7.67 4.22
C VAL A 12 2.28 -7.80 5.64
N SER A 13 3.45 -7.24 5.83
CA SER A 13 4.11 -7.25 7.12
C SER A 13 4.27 -5.83 7.63
N MET A 14 4.29 -5.67 8.94
CA MET A 14 4.43 -4.36 9.55
C MET A 14 5.84 -4.14 10.03
N ASP A 15 6.21 -2.87 10.24
CA ASP A 15 7.51 -2.54 10.80
C ASP A 15 7.36 -1.48 11.89
N GLY A 16 8.21 -1.58 12.89
CA GLY A 16 8.12 -0.72 14.06
C GLY A 16 7.22 -1.35 15.11
N ALA A 17 6.20 -2.03 14.64
CA ALA A 17 5.38 -2.89 15.47
C ALA A 17 5.14 -4.22 14.77
N PRO A 18 5.20 -5.32 15.50
CA PRO A 18 5.04 -6.66 14.93
C PRO A 18 3.58 -7.00 14.62
N TYR A 19 3.32 -7.37 13.38
CA TYR A 19 2.00 -7.84 12.96
C TYR A 19 2.14 -8.79 11.80
N LEU A 20 1.07 -9.50 11.52
CA LEU A 20 1.03 -10.40 10.39
C LEU A 20 -0.31 -10.28 9.69
N ARG A 21 -0.31 -9.64 8.54
CA ARG A 21 -1.53 -9.37 7.80
C ARG A 21 -1.44 -9.90 6.37
N LYS A 22 -2.57 -10.19 5.76
CA LYS A 22 -2.62 -10.59 4.35
C LYS A 22 -3.92 -10.11 3.73
N ILE A 23 -3.85 -9.64 2.49
CA ILE A 23 -5.02 -9.12 1.78
C ILE A 23 -4.94 -9.43 0.30
N ASP A 24 -6.03 -9.12 -0.39
CA ASP A 24 -6.11 -9.32 -1.84
C ASP A 24 -6.26 -7.96 -2.52
N LEU A 25 -5.60 -7.81 -3.66
CA LEU A 25 -5.53 -6.52 -4.34
C LEU A 25 -6.85 -6.16 -5.02
N ARG A 26 -7.40 -7.11 -5.75
CA ARG A 26 -8.51 -6.82 -6.63
C ARG A 26 -9.86 -6.82 -5.91
N VAL A 27 -9.90 -7.29 -4.66
CA VAL A 27 -11.15 -7.25 -3.88
C VAL A 27 -11.59 -5.82 -3.63
N TYR A 28 -10.69 -4.86 -3.79
CA TYR A 28 -11.01 -3.48 -3.52
C TYR A 28 -11.67 -2.84 -4.73
N GLY A 29 -11.33 -3.37 -5.91
CA GLY A 29 -11.95 -2.93 -7.15
C GLY A 29 -11.74 -1.44 -7.44
N GLY A 30 -10.78 -0.84 -6.75
CA GLY A 30 -10.54 0.57 -6.91
C GLY A 30 -9.79 1.14 -5.72
N TYR A 31 -9.43 2.42 -5.82
CA TYR A 31 -8.63 3.08 -4.80
C TYR A 31 -9.40 3.27 -3.50
N SER A 32 -10.72 3.44 -3.60
CA SER A 32 -11.53 3.74 -2.42
C SER A 32 -11.43 2.63 -1.37
N GLU A 33 -11.72 1.41 -1.79
CA GLU A 33 -11.66 0.29 -0.87
C GLU A 33 -10.22 -0.05 -0.53
N LEU A 34 -9.33 0.24 -1.47
CA LEU A 34 -7.89 0.08 -1.22
C LEU A 34 -7.48 0.91 -0.02
N LEU A 35 -7.77 2.20 -0.09
CA LEU A 35 -7.41 3.15 0.95
C LEU A 35 -8.18 2.88 2.23
N LYS A 36 -9.44 2.50 2.08
CA LYS A 36 -10.31 2.23 3.22
C LYS A 36 -9.90 0.95 3.94
N ALA A 37 -9.37 0.00 3.19
CA ALA A 37 -8.86 -1.24 3.77
C ALA A 37 -7.71 -0.95 4.71
N LEU A 38 -6.81 -0.06 4.30
CA LEU A 38 -5.66 0.30 5.13
C LEU A 38 -6.13 0.92 6.42
N GLU A 39 -7.03 1.89 6.29
CA GLU A 39 -7.69 2.51 7.42
C GLU A 39 -8.32 1.45 8.33
N THR A 40 -8.73 0.35 7.73
CA THR A 40 -9.30 -0.77 8.45
C THR A 40 -8.23 -1.59 9.17
N MET A 41 -7.12 -1.83 8.48
CA MET A 41 -6.10 -2.80 8.92
C MET A 41 -5.60 -2.52 10.33
N PHE A 42 -5.06 -1.33 10.55
CA PHE A 42 -4.48 -0.97 11.83
C PHE A 42 -5.37 0.01 12.58
N LYS A 43 -6.57 0.19 12.06
CA LYS A 43 -7.59 1.02 12.71
C LYS A 43 -7.15 2.48 12.82
N LEU A 44 -6.55 3.00 11.76
CA LEU A 44 -6.17 4.41 11.70
C LEU A 44 -6.22 4.90 10.25
N THR A 45 -6.13 6.20 10.07
CA THR A 45 -6.48 6.83 8.81
C THR A 45 -5.28 7.01 7.86
N ILE A 46 -5.19 6.17 6.85
CA ILE A 46 -4.24 6.35 5.76
C ILE A 46 -4.93 7.01 4.58
N GLY A 47 -4.20 7.81 3.81
CA GLY A 47 -4.79 8.38 2.62
C GLY A 47 -4.00 9.54 2.06
N GLU A 48 -4.62 10.23 1.10
CA GLU A 48 -4.06 11.40 0.44
C GLU A 48 -2.60 11.23 0.03
N TYR A 49 -2.41 10.60 -1.12
CA TYR A 49 -1.11 10.60 -1.76
C TYR A 49 -0.76 12.02 -2.20
N SER A 50 -0.17 12.77 -1.29
CA SER A 50 0.25 14.14 -1.58
C SER A 50 1.36 14.15 -2.61
N GLU A 51 1.41 15.22 -3.36
CA GLU A 51 2.46 15.40 -4.35
C GLU A 51 3.78 15.72 -3.66
N ARG A 52 3.70 16.11 -2.40
CA ARG A 52 4.84 16.55 -1.65
C ARG A 52 5.69 15.38 -1.11
N GLU A 53 5.09 14.45 -0.37
CA GLU A 53 5.82 13.23 0.00
C GLU A 53 5.09 12.00 -0.49
N GLY A 54 3.77 12.14 -0.58
CA GLY A 54 2.86 11.06 -0.93
C GLY A 54 3.12 9.71 -0.27
N TYR A 55 3.99 9.64 0.72
CA TYR A 55 4.25 8.37 1.40
C TYR A 55 4.14 8.50 2.91
N LYS A 56 3.51 9.57 3.38
CA LYS A 56 3.49 9.85 4.81
C LYS A 56 2.62 8.84 5.56
N GLY A 57 1.52 8.47 4.89
CA GLY A 57 0.58 7.50 5.44
C GLY A 57 0.00 7.90 6.80
N SER A 58 0.09 9.18 7.13
CA SER A 58 -0.22 9.66 8.48
C SER A 58 0.79 9.06 9.46
N GLU A 59 0.54 7.83 9.91
CA GLU A 59 1.50 7.12 10.72
C GLU A 59 1.96 5.83 10.05
N TYR A 60 1.19 5.32 9.10
CA TYR A 60 1.57 4.09 8.41
C TYR A 60 1.44 4.24 6.91
N ALA A 61 2.52 3.94 6.22
CA ALA A 61 2.53 3.99 4.77
C ALA A 61 2.51 2.58 4.20
N PRO A 62 1.36 2.14 3.68
CA PRO A 62 1.29 0.88 2.98
C PRO A 62 1.97 0.96 1.62
N THR A 63 2.97 0.12 1.44
CA THR A 63 3.76 0.15 0.24
C THR A 63 3.76 -1.22 -0.41
N TYR A 64 3.90 -1.24 -1.72
CA TYR A 64 3.90 -2.48 -2.47
C TYR A 64 5.24 -2.65 -3.15
N GLU A 65 5.53 -3.86 -3.56
CA GLU A 65 6.72 -4.13 -4.36
C GLU A 65 6.32 -4.26 -5.82
N ASP A 66 6.86 -3.37 -6.65
CA ASP A 66 6.52 -3.36 -8.06
C ASP A 66 7.41 -4.33 -8.84
N LYS A 67 7.21 -4.37 -10.15
CA LYS A 67 7.99 -5.21 -11.04
C LYS A 67 9.49 -5.04 -10.84
N ASP A 68 9.93 -3.79 -10.69
CA ASP A 68 11.35 -3.50 -10.57
C ASP A 68 11.81 -3.60 -9.11
N GLY A 69 10.86 -3.62 -8.20
CA GLY A 69 11.17 -3.79 -6.79
C GLY A 69 11.26 -2.48 -6.01
N ASP A 70 10.52 -1.48 -6.44
CA ASP A 70 10.42 -0.23 -5.69
C ASP A 70 9.19 -0.28 -4.79
N TRP A 71 9.28 0.38 -3.64
CA TRP A 71 8.18 0.40 -2.68
C TRP A 71 7.63 1.80 -2.51
N MET A 72 6.40 2.00 -2.93
CA MET A 72 5.71 3.28 -2.78
C MET A 72 4.31 3.03 -2.29
N LEU A 73 3.53 4.09 -2.04
CA LEU A 73 2.14 3.91 -1.63
C LEU A 73 1.36 3.20 -2.71
N VAL A 74 0.35 2.48 -2.26
CA VAL A 74 -0.54 1.79 -3.17
C VAL A 74 -1.54 2.75 -3.80
N GLY A 75 -1.72 2.62 -5.10
CA GLY A 75 -2.53 3.56 -5.83
C GLY A 75 -1.68 4.57 -6.57
N ASP A 76 -0.36 4.34 -6.56
CA ASP A 76 0.58 5.22 -7.23
C ASP A 76 0.37 5.21 -8.74
N VAL A 77 0.37 4.03 -9.33
CA VAL A 77 0.14 3.88 -10.76
C VAL A 77 -1.28 3.39 -11.02
N PRO A 78 -1.83 3.63 -12.23
CA PRO A 78 -3.20 3.23 -12.58
C PRO A 78 -3.52 1.78 -12.24
N TRP A 79 -4.62 1.63 -11.49
CA TRP A 79 -5.11 0.37 -10.95
C TRP A 79 -4.98 -0.82 -11.90
N ASP A 80 -5.38 -0.62 -13.16
CA ASP A 80 -5.38 -1.71 -14.14
C ASP A 80 -3.99 -2.32 -14.28
N MET A 81 -2.98 -1.47 -14.34
CA MET A 81 -1.61 -1.92 -14.42
C MET A 81 -1.08 -2.24 -13.02
N PHE A 82 -1.65 -1.57 -12.03
CA PHE A 82 -1.18 -1.68 -10.65
C PHE A 82 -1.28 -3.11 -10.15
N VAL A 83 -2.46 -3.73 -10.31
CA VAL A 83 -2.75 -5.02 -9.68
C VAL A 83 -1.78 -6.09 -10.14
N THR A 84 -1.40 -6.02 -11.40
CA THR A 84 -0.51 -7.00 -11.97
C THR A 84 0.95 -6.72 -11.59
N SER A 85 1.19 -5.55 -11.02
CA SER A 85 2.54 -5.12 -10.70
C SER A 85 2.87 -5.30 -9.21
N CYS A 86 1.84 -5.41 -8.38
CA CYS A 86 2.05 -5.59 -6.96
C CYS A 86 2.22 -7.07 -6.63
N LYS A 87 3.39 -7.40 -6.13
CA LYS A 87 3.75 -8.79 -5.88
C LYS A 87 4.01 -9.05 -4.39
N ARG A 88 4.38 -8.01 -3.68
CA ARG A 88 4.54 -8.08 -2.23
C ARG A 88 4.01 -6.80 -1.60
N LEU A 89 3.67 -6.88 -0.31
CA LEU A 89 3.06 -5.75 0.37
C LEU A 89 3.72 -5.51 1.72
N ARG A 90 4.09 -4.28 1.99
CA ARG A 90 4.66 -3.93 3.28
C ARG A 90 4.10 -2.61 3.77
N ILE A 91 3.52 -2.62 4.95
CA ILE A 91 3.03 -1.41 5.57
C ILE A 91 3.86 -1.15 6.80
N MET A 92 4.23 0.09 6.99
CA MET A 92 5.09 0.44 8.09
C MET A 92 4.99 1.90 8.45
N LYS A 93 5.42 2.21 9.65
CA LYS A 93 5.33 3.56 10.19
C LYS A 93 5.96 4.60 9.27
N GLY A 94 5.39 5.79 9.33
CA GLY A 94 5.77 6.88 8.45
C GLY A 94 7.21 7.28 8.61
N THR A 95 7.73 7.02 9.79
CA THR A 95 9.12 7.34 10.12
C THR A 95 10.08 6.35 9.45
N GLU A 96 9.53 5.26 8.96
CA GLU A 96 10.34 4.22 8.32
C GLU A 96 10.25 4.31 6.80
N ALA A 97 9.03 4.45 6.28
CA ALA A 97 8.81 4.46 4.84
C ALA A 97 9.35 5.70 4.17
N LYS A 98 9.50 6.76 4.95
CA LYS A 98 10.00 8.04 4.44
C LYS A 98 11.38 7.89 3.80
N GLY A 99 12.22 7.05 4.40
CA GLY A 99 13.58 6.89 3.95
C GLY A 99 13.69 6.38 2.52
N LEU A 100 12.80 5.47 2.15
CA LEU A 100 12.87 4.83 0.84
C LEU A 100 11.83 5.38 -0.12
N GLY A 101 11.20 6.49 0.26
CA GLY A 101 10.25 7.15 -0.63
C GLY A 101 10.93 7.84 -1.79
N CYS A 102 11.55 7.04 -2.64
CA CYS A 102 12.31 7.56 -3.76
C CYS A 102 11.45 7.72 -5.01
N GLY A 103 10.16 7.90 -4.79
CA GLY A 103 9.27 8.12 -5.90
C GLY A 103 9.03 9.60 -6.13
N VAL A 104 8.24 10.20 -5.26
CA VAL A 104 7.98 11.64 -5.35
C VAL A 104 8.82 12.41 -4.34
N GLY A 105 9.87 11.76 -3.87
CA GLY A 105 10.84 12.41 -3.00
C GLY A 105 10.34 12.63 -1.58
N SER A 106 10.40 11.59 -0.76
CA SER A 106 10.09 11.74 0.65
C SER A 106 11.36 12.08 1.43
N HIS A 107 11.49 13.34 1.82
CA HIS A 107 12.65 13.79 2.57
C HIS A 107 12.25 14.17 3.98
N HIS A 1 -14.63 -21.83 -2.00
CA HIS A 1 -15.04 -21.89 -3.43
C HIS A 1 -15.13 -20.49 -4.03
N GLU A 2 -14.55 -19.51 -3.36
CA GLU A 2 -14.61 -18.14 -3.82
C GLU A 2 -13.29 -17.73 -4.45
N ALA A 3 -13.26 -17.76 -5.77
CA ALA A 3 -12.10 -17.33 -6.52
C ALA A 3 -12.44 -16.07 -7.31
N ASP A 4 -13.69 -15.65 -7.23
CA ASP A 4 -14.13 -14.45 -7.94
C ASP A 4 -14.04 -13.25 -7.02
N VAL A 5 -13.64 -12.10 -7.59
CA VAL A 5 -13.35 -10.90 -6.81
C VAL A 5 -12.19 -11.19 -5.86
N GLY A 6 -10.98 -11.01 -6.35
CA GLY A 6 -9.80 -11.39 -5.61
C GLY A 6 -9.20 -12.66 -6.17
N GLY A 7 -7.89 -12.74 -6.16
CA GLY A 7 -7.21 -13.91 -6.68
C GLY A 7 -5.72 -13.74 -6.59
N ILE A 8 -5.31 -12.52 -6.30
CA ILE A 8 -3.91 -12.19 -6.14
C ILE A 8 -3.66 -11.85 -4.69
N PHE A 9 -3.06 -12.78 -3.98
CA PHE A 9 -2.86 -12.61 -2.56
C PHE A 9 -1.52 -11.97 -2.29
N VAL A 10 -1.54 -10.92 -1.49
CA VAL A 10 -0.35 -10.17 -1.21
C VAL A 10 0.00 -10.30 0.25
N LYS A 11 1.28 -10.39 0.50
CA LYS A 11 1.78 -10.50 1.85
C LYS A 11 2.20 -9.12 2.32
N VAL A 12 1.71 -8.71 3.46
CA VAL A 12 2.01 -7.39 4.01
C VAL A 12 2.60 -7.54 5.40
N SER A 13 3.75 -6.92 5.60
CA SER A 13 4.44 -6.96 6.88
C SER A 13 4.45 -5.58 7.50
N MET A 14 4.28 -5.51 8.80
CA MET A 14 4.26 -4.24 9.50
C MET A 14 5.62 -3.93 10.12
N ASP A 15 6.18 -2.80 9.74
CA ASP A 15 7.43 -2.34 10.32
C ASP A 15 7.17 -1.22 11.32
N GLY A 16 7.76 -1.35 12.50
CA GLY A 16 7.60 -0.38 13.55
C GLY A 16 6.62 -0.85 14.61
N ALA A 17 5.61 -1.59 14.18
CA ALA A 17 4.69 -2.23 15.10
C ALA A 17 4.39 -3.66 14.64
N PRO A 18 4.28 -4.61 15.58
CA PRO A 18 4.01 -6.01 15.25
C PRO A 18 2.54 -6.26 14.91
N TYR A 19 2.32 -6.85 13.73
CA TYR A 19 0.98 -7.30 13.30
C TYR A 19 1.13 -8.45 12.34
N LEU A 20 0.04 -9.12 12.02
CA LEU A 20 0.01 -10.08 10.93
C LEU A 20 -1.27 -9.92 10.11
N ARG A 21 -1.14 -9.28 8.96
CA ARG A 21 -2.24 -9.15 8.01
C ARG A 21 -1.80 -9.57 6.61
N LYS A 22 -2.64 -10.29 5.89
CA LYS A 22 -2.41 -10.56 4.46
C LYS A 22 -3.71 -10.28 3.70
N ILE A 23 -3.60 -9.72 2.50
CA ILE A 23 -4.78 -9.26 1.76
C ILE A 23 -4.67 -9.50 0.27
N ASP A 24 -5.75 -9.22 -0.41
CA ASP A 24 -5.84 -9.35 -1.87
C ASP A 24 -6.04 -7.98 -2.50
N LEU A 25 -5.43 -7.78 -3.67
CA LEU A 25 -5.47 -6.48 -4.33
C LEU A 25 -6.85 -6.17 -4.91
N ARG A 26 -7.45 -7.16 -5.54
CA ARG A 26 -8.61 -6.95 -6.40
C ARG A 26 -9.91 -6.81 -5.61
N VAL A 27 -9.95 -7.35 -4.41
CA VAL A 27 -11.16 -7.34 -3.59
C VAL A 27 -11.63 -5.91 -3.28
N TYR A 28 -10.78 -4.93 -3.52
CA TYR A 28 -11.13 -3.54 -3.26
C TYR A 28 -11.74 -2.88 -4.48
N GLY A 29 -11.33 -3.37 -5.65
CA GLY A 29 -11.86 -2.88 -6.91
C GLY A 29 -11.65 -1.40 -7.14
N GLY A 30 -10.79 -0.78 -6.34
CA GLY A 30 -10.57 0.64 -6.46
C GLY A 30 -9.85 1.21 -5.25
N TYR A 31 -9.52 2.49 -5.32
CA TYR A 31 -8.77 3.17 -4.27
C TYR A 31 -9.59 3.34 -3.00
N SER A 32 -10.90 3.54 -3.15
CA SER A 32 -11.75 3.81 -1.99
C SER A 32 -11.67 2.69 -0.97
N GLU A 33 -11.91 1.46 -1.42
CA GLU A 33 -11.85 0.32 -0.53
C GLU A 33 -10.42 -0.04 -0.19
N LEU A 34 -9.50 0.28 -1.09
CA LEU A 34 -8.06 0.07 -0.82
C LEU A 34 -7.63 0.87 0.40
N LEU A 35 -7.89 2.16 0.35
CA LEU A 35 -7.50 3.06 1.42
C LEU A 35 -8.28 2.76 2.69
N LYS A 36 -9.52 2.36 2.49
CA LYS A 36 -10.42 2.01 3.59
C LYS A 36 -9.95 0.72 4.27
N ALA A 37 -9.37 -0.17 3.47
CA ALA A 37 -8.85 -1.43 3.99
C ALA A 37 -7.70 -1.20 4.93
N LEU A 38 -6.85 -0.22 4.61
CA LEU A 38 -5.70 0.10 5.46
C LEU A 38 -6.21 0.55 6.82
N GLU A 39 -7.15 1.48 6.78
CA GLU A 39 -7.86 1.93 7.97
C GLU A 39 -8.45 0.74 8.73
N THR A 40 -8.78 -0.31 7.99
CA THR A 40 -9.30 -1.53 8.58
C THR A 40 -8.17 -2.35 9.23
N MET A 41 -7.04 -2.44 8.54
CA MET A 41 -5.96 -3.35 8.90
C MET A 41 -5.50 -3.15 10.34
N PHE A 42 -5.09 -1.92 10.64
CA PHE A 42 -4.62 -1.58 11.98
C PHE A 42 -5.61 -0.67 12.68
N LYS A 43 -6.76 -0.48 12.05
CA LYS A 43 -7.87 0.26 12.62
C LYS A 43 -7.50 1.70 12.93
N LEU A 44 -6.76 2.32 12.01
CA LEU A 44 -6.39 3.72 12.13
C LEU A 44 -6.44 4.39 10.77
N THR A 45 -6.49 5.71 10.77
CA THR A 45 -6.82 6.47 9.56
C THR A 45 -5.61 6.74 8.66
N ILE A 46 -5.52 5.99 7.56
CA ILE A 46 -4.59 6.30 6.49
C ILE A 46 -5.26 7.23 5.48
N GLY A 47 -4.46 8.06 4.82
CA GLY A 47 -4.98 9.03 3.88
C GLY A 47 -4.52 8.78 2.45
N GLU A 48 -4.65 9.79 1.62
CA GLU A 48 -4.38 9.68 0.19
C GLU A 48 -2.91 9.96 -0.14
N TYR A 49 -2.57 9.70 -1.39
CA TYR A 49 -1.23 9.93 -1.93
C TYR A 49 -0.98 11.43 -2.11
N SER A 50 -0.63 12.10 -1.02
CA SER A 50 -0.27 13.52 -1.05
C SER A 50 0.88 13.75 -2.02
N GLU A 51 0.61 14.36 -3.17
CA GLU A 51 1.54 14.38 -4.29
C GLU A 51 2.91 14.96 -3.93
N ARG A 52 2.92 15.81 -2.92
CA ARG A 52 4.14 16.49 -2.50
C ARG A 52 5.27 15.52 -2.12
N GLU A 53 4.98 14.53 -1.27
CA GLU A 53 5.97 13.48 -0.99
C GLU A 53 5.41 12.12 -1.39
N GLY A 54 4.09 12.05 -1.35
CA GLY A 54 3.32 10.88 -1.72
C GLY A 54 3.71 9.60 -1.03
N TYR A 55 4.54 9.64 0.00
CA TYR A 55 4.90 8.41 0.69
C TYR A 55 4.69 8.50 2.18
N LYS A 56 3.96 9.52 2.62
CA LYS A 56 3.54 9.59 4.01
C LYS A 56 2.44 8.59 4.29
N GLY A 57 1.45 8.56 3.38
CA GLY A 57 0.23 7.80 3.54
C GLY A 57 -0.59 8.15 4.79
N SER A 58 0.10 8.64 5.83
CA SER A 58 -0.47 8.96 7.14
C SER A 58 0.66 8.72 8.14
N GLU A 59 0.34 8.14 9.29
CA GLU A 59 1.37 7.62 10.17
C GLU A 59 1.76 6.23 9.68
N TYR A 60 1.02 5.74 8.69
CA TYR A 60 1.35 4.50 8.02
C TYR A 60 1.26 4.67 6.52
N ALA A 61 2.29 4.22 5.83
CA ALA A 61 2.34 4.31 4.39
C ALA A 61 2.36 2.92 3.77
N PRO A 62 1.23 2.49 3.19
CA PRO A 62 1.16 1.22 2.47
C PRO A 62 1.96 1.26 1.16
N THR A 63 2.94 0.38 1.07
CA THR A 63 3.82 0.34 -0.08
C THR A 63 3.80 -1.05 -0.72
N TYR A 64 4.20 -1.11 -1.97
CA TYR A 64 4.18 -2.35 -2.72
C TYR A 64 5.49 -2.53 -3.49
N GLU A 65 5.72 -3.73 -3.98
CA GLU A 65 6.93 -4.01 -4.74
C GLU A 65 6.59 -4.27 -6.20
N ASP A 66 7.22 -3.51 -7.09
CA ASP A 66 7.05 -3.69 -8.53
C ASP A 66 8.06 -4.70 -9.06
N LYS A 67 8.03 -4.97 -10.37
CA LYS A 67 8.96 -5.92 -10.98
C LYS A 67 10.40 -5.40 -10.86
N ASP A 68 10.52 -4.09 -10.80
CA ASP A 68 11.82 -3.44 -10.65
C ASP A 68 12.40 -3.73 -9.26
N GLY A 69 11.52 -4.14 -8.35
CA GLY A 69 11.93 -4.35 -6.98
C GLY A 69 11.85 -3.09 -6.17
N ASP A 70 11.23 -2.08 -6.75
CA ASP A 70 11.11 -0.77 -6.15
C ASP A 70 9.78 -0.65 -5.41
N TRP A 71 9.78 0.13 -4.34
CA TRP A 71 8.61 0.27 -3.48
C TRP A 71 8.12 1.73 -3.46
N MET A 72 6.82 1.92 -3.63
CA MET A 72 6.19 3.21 -3.45
C MET A 72 4.82 2.99 -2.82
N LEU A 73 4.06 4.07 -2.58
CA LEU A 73 2.71 3.93 -2.07
C LEU A 73 1.84 3.21 -3.07
N VAL A 74 0.81 2.57 -2.55
CA VAL A 74 -0.17 1.90 -3.37
C VAL A 74 -1.14 2.91 -3.95
N GLY A 75 -1.22 2.93 -5.26
CA GLY A 75 -1.96 3.96 -5.95
C GLY A 75 -1.03 4.88 -6.70
N ASP A 76 0.27 4.61 -6.59
CA ASP A 76 1.29 5.37 -7.32
C ASP A 76 1.01 5.34 -8.82
N VAL A 77 0.72 4.14 -9.33
CA VAL A 77 0.31 3.98 -10.71
C VAL A 77 -1.18 3.62 -10.75
N PRO A 78 -1.88 3.91 -11.85
CA PRO A 78 -3.32 3.64 -11.98
C PRO A 78 -3.70 2.20 -11.70
N TRP A 79 -4.78 2.01 -10.94
CA TRP A 79 -5.22 0.71 -10.45
C TRP A 79 -5.07 -0.41 -11.49
N ASP A 80 -5.56 -0.15 -12.70
CA ASP A 80 -5.52 -1.14 -13.78
C ASP A 80 -4.12 -1.69 -14.00
N MET A 81 -3.13 -0.82 -13.96
CA MET A 81 -1.73 -1.23 -14.14
C MET A 81 -1.15 -1.73 -12.83
N PHE A 82 -1.77 -1.30 -11.74
CA PHE A 82 -1.23 -1.55 -10.41
C PHE A 82 -1.35 -3.02 -10.03
N VAL A 83 -2.52 -3.59 -10.25
CA VAL A 83 -2.82 -4.93 -9.76
C VAL A 83 -1.88 -5.97 -10.35
N THR A 84 -1.55 -5.79 -11.62
CA THR A 84 -0.74 -6.74 -12.34
C THR A 84 0.75 -6.58 -12.01
N SER A 85 1.11 -5.49 -11.35
CA SER A 85 2.50 -5.22 -11.04
C SER A 85 2.82 -5.43 -9.56
N CYS A 86 1.85 -5.18 -8.69
CA CYS A 86 2.06 -5.36 -7.25
C CYS A 86 2.16 -6.83 -6.90
N LYS A 87 3.31 -7.22 -6.40
CA LYS A 87 3.58 -8.62 -6.08
C LYS A 87 3.90 -8.82 -4.60
N ARG A 88 4.30 -7.74 -3.93
CA ARG A 88 4.51 -7.76 -2.48
C ARG A 88 3.98 -6.49 -1.85
N LEU A 89 3.66 -6.55 -0.57
CA LEU A 89 3.01 -5.44 0.11
C LEU A 89 3.65 -5.18 1.48
N ARG A 90 3.92 -3.93 1.79
CA ARG A 90 4.30 -3.56 3.14
C ARG A 90 3.66 -2.24 3.55
N ILE A 91 2.93 -2.26 4.63
CA ILE A 91 2.49 -1.02 5.24
C ILE A 91 3.30 -0.83 6.50
N MET A 92 3.76 0.38 6.72
CA MET A 92 4.59 0.66 7.88
C MET A 92 4.58 2.13 8.20
N LYS A 93 5.00 2.44 9.41
CA LYS A 93 5.01 3.80 9.91
C LYS A 93 5.64 4.79 8.93
N GLY A 94 5.03 5.96 8.88
CA GLY A 94 5.31 6.94 7.84
C GLY A 94 6.75 7.38 7.80
N THR A 95 7.34 7.49 8.97
CA THR A 95 8.71 7.96 9.13
C THR A 95 9.69 7.05 8.40
N GLU A 96 9.27 5.83 8.12
CA GLU A 96 10.13 4.82 7.52
C GLU A 96 9.92 4.76 6.02
N ALA A 97 8.66 4.80 5.60
CA ALA A 97 8.33 4.69 4.18
C ALA A 97 8.73 5.94 3.42
N LYS A 98 8.72 7.07 4.11
CA LYS A 98 9.11 8.34 3.49
C LYS A 98 10.61 8.36 3.22
N GLY A 99 11.31 7.33 3.69
CA GLY A 99 12.73 7.23 3.47
C GLY A 99 13.08 6.27 2.34
N LEU A 100 12.08 5.57 1.83
CA LEU A 100 12.31 4.62 0.74
C LEU A 100 11.83 5.20 -0.57
N GLY A 101 11.15 6.34 -0.50
CA GLY A 101 10.47 6.95 -1.64
C GLY A 101 11.08 6.64 -3.00
N CYS A 102 10.52 5.61 -3.65
CA CYS A 102 10.93 5.18 -4.99
C CYS A 102 12.44 5.19 -5.18
N GLY A 103 13.11 4.48 -4.29
CA GLY A 103 14.55 4.38 -4.36
C GLY A 103 15.23 5.38 -3.47
N VAL A 104 14.77 5.42 -2.23
CA VAL A 104 15.32 6.30 -1.19
C VAL A 104 15.39 7.75 -1.67
N GLY A 105 14.24 8.28 -2.10
CA GLY A 105 14.18 9.65 -2.54
C GLY A 105 12.75 10.17 -2.58
N SER A 106 12.15 10.35 -1.42
CA SER A 106 10.81 10.90 -1.31
C SER A 106 10.85 12.43 -1.35
N HIS A 107 11.39 12.98 -2.43
CA HIS A 107 11.47 14.43 -2.58
C HIS A 107 10.74 14.86 -3.83
N HIS A 1 -12.38 -5.80 -12.67
CA HIS A 1 -11.48 -5.06 -13.59
C HIS A 1 -10.88 -6.03 -14.61
N GLU A 2 -10.00 -6.92 -14.14
CA GLU A 2 -9.47 -7.98 -14.99
C GLU A 2 -10.29 -9.24 -14.72
N ALA A 3 -11.54 -9.18 -15.15
CA ALA A 3 -12.58 -10.13 -14.75
C ALA A 3 -13.09 -9.77 -13.35
N ASP A 4 -14.38 -9.93 -13.13
CA ASP A 4 -15.02 -9.46 -11.92
C ASP A 4 -14.57 -10.26 -10.70
N VAL A 5 -14.17 -9.52 -9.66
CA VAL A 5 -13.75 -10.10 -8.39
C VAL A 5 -12.43 -10.86 -8.55
N GLY A 6 -11.80 -11.23 -7.44
CA GLY A 6 -10.58 -12.01 -7.51
C GLY A 6 -10.13 -12.50 -6.16
N GLY A 7 -9.07 -13.29 -6.14
CA GLY A 7 -8.59 -13.86 -4.91
C GLY A 7 -7.08 -13.85 -4.82
N ILE A 8 -6.46 -12.90 -5.52
CA ILE A 8 -5.01 -12.73 -5.42
C ILE A 8 -4.63 -12.17 -4.06
N PHE A 9 -3.95 -12.99 -3.28
CA PHE A 9 -3.58 -12.62 -1.92
C PHE A 9 -2.23 -11.93 -1.92
N VAL A 10 -2.12 -10.88 -1.12
CA VAL A 10 -0.87 -10.18 -0.95
C VAL A 10 -0.44 -10.27 0.51
N LYS A 11 0.86 -10.30 0.73
CA LYS A 11 1.37 -10.36 2.08
C LYS A 11 1.96 -9.02 2.45
N VAL A 12 1.57 -8.52 3.61
CA VAL A 12 1.98 -7.20 4.08
C VAL A 12 2.58 -7.31 5.47
N SER A 13 3.76 -6.74 5.64
CA SER A 13 4.47 -6.80 6.90
C SER A 13 4.48 -5.43 7.57
N MET A 14 4.44 -5.43 8.89
CA MET A 14 4.53 -4.20 9.67
C MET A 14 5.95 -4.01 10.14
N ASP A 15 6.52 -2.85 9.83
CA ASP A 15 7.88 -2.56 10.20
C ASP A 15 7.91 -1.60 11.39
N GLY A 16 8.83 -1.85 12.30
CA GLY A 16 8.92 -1.06 13.51
C GLY A 16 8.13 -1.69 14.65
N ALA A 17 7.03 -2.33 14.30
CA ALA A 17 6.27 -3.12 15.26
C ALA A 17 5.87 -4.46 14.64
N PRO A 18 5.94 -5.55 15.42
CA PRO A 18 5.56 -6.88 14.95
C PRO A 18 4.05 -7.08 14.90
N TYR A 19 3.54 -7.47 13.72
CA TYR A 19 2.12 -7.77 13.52
C TYR A 19 1.96 -8.76 12.39
N LEU A 20 0.77 -9.32 12.25
CA LEU A 20 0.50 -10.23 11.16
C LEU A 20 -0.83 -9.88 10.52
N ARG A 21 -0.75 -9.15 9.41
CA ARG A 21 -1.93 -8.74 8.66
C ARG A 21 -1.74 -8.97 7.16
N LYS A 22 -2.63 -9.74 6.53
CA LYS A 22 -2.59 -9.94 5.08
C LYS A 22 -3.89 -9.47 4.42
N ILE A 23 -3.84 -9.15 3.13
CA ILE A 23 -5.02 -8.67 2.40
C ILE A 23 -5.02 -9.16 0.95
N ASP A 24 -6.12 -8.90 0.24
CA ASP A 24 -6.33 -9.43 -1.09
C ASP A 24 -6.32 -8.29 -2.11
N LEU A 25 -5.54 -8.47 -3.18
CA LEU A 25 -5.24 -7.42 -4.14
C LEU A 25 -6.45 -7.04 -5.00
N ARG A 26 -7.15 -8.02 -5.51
CA ARG A 26 -8.22 -7.77 -6.47
C ARG A 26 -9.51 -7.31 -5.81
N VAL A 27 -9.60 -7.40 -4.48
CA VAL A 27 -10.85 -7.10 -3.80
C VAL A 27 -11.02 -5.61 -3.54
N TYR A 28 -10.06 -4.79 -3.94
CA TYR A 28 -10.18 -3.36 -3.71
C TYR A 28 -10.98 -2.71 -4.83
N GLY A 29 -10.90 -3.27 -6.03
CA GLY A 29 -11.68 -2.74 -7.16
C GLY A 29 -11.62 -1.22 -7.24
N GLY A 30 -10.42 -0.67 -7.15
CA GLY A 30 -10.27 0.77 -7.15
C GLY A 30 -9.52 1.27 -5.93
N TYR A 31 -9.21 2.56 -5.92
CA TYR A 31 -8.43 3.17 -4.85
C TYR A 31 -9.22 3.26 -3.53
N SER A 32 -10.54 3.38 -3.62
CA SER A 32 -11.37 3.59 -2.43
C SER A 32 -11.20 2.44 -1.44
N GLU A 33 -11.41 1.21 -1.91
CA GLU A 33 -11.30 0.04 -1.06
C GLU A 33 -9.85 -0.25 -0.74
N LEU A 34 -8.97 0.10 -1.68
CA LEU A 34 -7.54 -0.06 -1.49
C LEU A 34 -7.10 0.66 -0.21
N LEU A 35 -7.40 1.95 -0.16
CA LEU A 35 -7.04 2.79 0.96
C LEU A 35 -7.85 2.43 2.21
N LYS A 36 -9.11 2.11 2.01
CA LYS A 36 -10.02 1.80 3.11
C LYS A 36 -9.63 0.50 3.80
N ALA A 37 -9.10 -0.44 3.03
CA ALA A 37 -8.65 -1.72 3.59
C ALA A 37 -7.54 -1.49 4.60
N LEU A 38 -6.62 -0.58 4.27
CA LEU A 38 -5.51 -0.25 5.16
C LEU A 38 -6.05 0.40 6.43
N GLU A 39 -6.95 1.35 6.23
CA GLU A 39 -7.66 1.98 7.34
C GLU A 39 -8.27 0.93 8.25
N THR A 40 -8.67 -0.18 7.65
CA THR A 40 -9.24 -1.29 8.38
C THR A 40 -8.17 -2.05 9.16
N MET A 41 -7.02 -2.25 8.53
CA MET A 41 -5.99 -3.14 9.02
C MET A 41 -5.51 -2.76 10.43
N PHE A 42 -5.06 -1.52 10.58
CA PHE A 42 -4.52 -1.05 11.85
C PHE A 42 -5.52 -0.18 12.58
N LYS A 43 -6.74 -0.14 12.05
CA LYS A 43 -7.85 0.55 12.70
C LYS A 43 -7.59 2.05 12.84
N LEU A 44 -7.03 2.63 11.79
CA LEU A 44 -6.73 4.06 11.78
C LEU A 44 -6.92 4.61 10.37
N THR A 45 -6.82 5.92 10.24
CA THR A 45 -7.15 6.58 8.99
C THR A 45 -5.93 6.97 8.17
N ILE A 46 -5.61 6.17 7.16
CA ILE A 46 -4.63 6.54 6.16
C ILE A 46 -5.18 7.67 5.30
N GLY A 47 -4.33 8.62 4.98
CA GLY A 47 -4.73 9.75 4.17
C GLY A 47 -4.43 9.55 2.71
N GLU A 48 -4.43 10.65 1.96
CA GLU A 48 -4.18 10.60 0.54
C GLU A 48 -2.69 10.77 0.24
N TYR A 49 -2.32 10.49 -1.01
CA TYR A 49 -0.97 10.73 -1.49
C TYR A 49 -0.66 12.22 -1.48
N SER A 50 -0.07 12.70 -0.39
CA SER A 50 0.41 14.06 -0.34
C SER A 50 1.48 14.24 -1.40
N GLU A 51 1.41 15.32 -2.16
CA GLU A 51 2.21 15.46 -3.34
C GLU A 51 3.68 15.72 -3.01
N ARG A 52 3.96 16.25 -1.83
CA ARG A 52 5.32 16.64 -1.51
C ARG A 52 6.17 15.45 -1.03
N GLU A 53 5.71 14.68 -0.04
CA GLU A 53 6.37 13.41 0.26
C GLU A 53 5.41 12.25 0.12
N GLY A 54 4.15 12.57 0.41
CA GLY A 54 3.06 11.62 0.58
C GLY A 54 3.40 10.33 1.28
N TYR A 55 4.59 10.19 1.83
CA TYR A 55 5.03 8.92 2.35
C TYR A 55 4.78 8.83 3.84
N LYS A 56 4.18 9.87 4.38
CA LYS A 56 3.68 9.80 5.73
C LYS A 56 2.49 8.85 5.80
N GLY A 57 1.67 8.87 4.74
CA GLY A 57 0.43 8.12 4.66
C GLY A 57 -0.60 8.48 5.74
N SER A 58 -0.10 9.01 6.85
CA SER A 58 -0.84 9.38 8.04
C SER A 58 0.10 9.13 9.22
N GLU A 59 0.05 7.92 9.74
CA GLU A 59 1.11 7.37 10.55
C GLU A 59 1.67 6.14 9.86
N TYR A 60 1.06 5.78 8.75
CA TYR A 60 1.42 4.58 8.03
C TYR A 60 1.48 4.80 6.54
N ALA A 61 2.58 4.36 5.95
CA ALA A 61 2.76 4.45 4.51
C ALA A 61 2.52 3.09 3.88
N PRO A 62 1.36 2.91 3.23
CA PRO A 62 1.09 1.70 2.47
C PRO A 62 1.88 1.67 1.17
N THR A 63 2.68 0.64 1.00
CA THR A 63 3.54 0.50 -0.15
C THR A 63 3.42 -0.89 -0.73
N TYR A 64 3.90 -1.06 -1.95
CA TYR A 64 3.81 -2.34 -2.63
C TYR A 64 5.09 -2.59 -3.42
N GLU A 65 5.29 -3.82 -3.86
CA GLU A 65 6.42 -4.16 -4.70
C GLU A 65 5.93 -4.37 -6.14
N ASP A 66 6.50 -3.61 -7.06
CA ASP A 66 6.13 -3.71 -8.47
C ASP A 66 6.92 -4.82 -9.16
N LYS A 67 6.65 -4.99 -10.45
CA LYS A 67 7.31 -5.99 -11.27
C LYS A 67 8.83 -5.95 -11.12
N ASP A 68 9.40 -4.74 -11.18
CA ASP A 68 10.85 -4.58 -11.17
C ASP A 68 11.39 -4.52 -9.74
N GLY A 69 10.49 -4.39 -8.77
CA GLY A 69 10.89 -4.41 -7.38
C GLY A 69 11.07 -3.02 -6.78
N ASP A 70 10.34 -2.05 -7.29
CA ASP A 70 10.31 -0.73 -6.68
C ASP A 70 9.16 -0.64 -5.69
N TRP A 71 9.34 0.14 -4.64
CA TRP A 71 8.33 0.30 -3.62
C TRP A 71 7.86 1.73 -3.52
N MET A 72 6.61 1.97 -3.87
CA MET A 72 5.98 3.26 -3.66
C MET A 72 4.66 3.04 -2.96
N LEU A 73 3.94 4.12 -2.70
CA LEU A 73 2.64 4.01 -2.06
C LEU A 73 1.64 3.30 -2.95
N VAL A 74 0.63 2.72 -2.34
CA VAL A 74 -0.43 2.08 -3.09
C VAL A 74 -1.36 3.12 -3.68
N GLY A 75 -1.60 2.99 -4.98
CA GLY A 75 -2.34 3.99 -5.70
C GLY A 75 -1.42 4.95 -6.42
N ASP A 76 -0.12 4.62 -6.42
CA ASP A 76 0.89 5.46 -7.07
C ASP A 76 0.64 5.54 -8.58
N VAL A 77 0.70 4.41 -9.26
CA VAL A 77 0.48 4.38 -10.71
C VAL A 77 -0.96 3.97 -11.02
N PRO A 78 -1.43 4.25 -12.25
CA PRO A 78 -2.78 3.86 -12.71
C PRO A 78 -3.13 2.42 -12.36
N TRP A 79 -4.33 2.26 -11.79
CA TRP A 79 -4.85 1.00 -11.26
C TRP A 79 -4.66 -0.19 -12.19
N ASP A 80 -4.91 0.00 -13.49
CA ASP A 80 -4.85 -1.09 -14.45
C ASP A 80 -3.45 -1.73 -14.48
N MET A 81 -2.44 -0.88 -14.45
CA MET A 81 -1.06 -1.36 -14.43
C MET A 81 -0.66 -1.72 -13.01
N PHE A 82 -1.37 -1.15 -12.05
CA PHE A 82 -1.05 -1.32 -10.64
C PHE A 82 -1.24 -2.78 -10.20
N VAL A 83 -2.44 -3.30 -10.42
CA VAL A 83 -2.81 -4.60 -9.90
C VAL A 83 -1.91 -5.69 -10.45
N THR A 84 -1.55 -5.56 -11.71
CA THR A 84 -0.77 -6.57 -12.40
C THR A 84 0.70 -6.51 -11.99
N SER A 85 1.07 -5.46 -11.27
CA SER A 85 2.46 -5.28 -10.85
C SER A 85 2.66 -5.65 -9.39
N CYS A 86 1.56 -5.70 -8.65
CA CYS A 86 1.62 -5.94 -7.22
C CYS A 86 1.88 -7.41 -6.92
N LYS A 87 3.04 -7.67 -6.36
CA LYS A 87 3.42 -9.02 -5.98
C LYS A 87 3.66 -9.12 -4.47
N ARG A 88 4.01 -8.00 -3.86
CA ARG A 88 4.25 -7.94 -2.42
C ARG A 88 3.69 -6.64 -1.85
N LEU A 89 3.35 -6.65 -0.57
CA LEU A 89 2.70 -5.50 0.05
C LEU A 89 3.40 -5.16 1.36
N ARG A 90 3.58 -3.86 1.61
CA ARG A 90 4.14 -3.43 2.88
C ARG A 90 3.45 -2.16 3.37
N ILE A 91 2.86 -2.20 4.54
CA ILE A 91 2.40 -0.98 5.17
C ILE A 91 3.11 -0.87 6.50
N MET A 92 3.61 0.30 6.80
CA MET A 92 4.44 0.49 7.97
C MET A 92 4.49 1.94 8.40
N LYS A 93 4.95 2.13 9.62
CA LYS A 93 5.06 3.44 10.24
C LYS A 93 5.71 4.46 9.31
N GLY A 94 5.04 5.60 9.17
CA GLY A 94 5.44 6.61 8.20
C GLY A 94 6.78 7.22 8.50
N THR A 95 7.09 7.29 9.77
CA THR A 95 8.34 7.86 10.24
C THR A 95 9.53 6.98 9.85
N GLU A 96 9.26 5.71 9.60
CA GLU A 96 10.31 4.77 9.24
C GLU A 96 10.34 4.53 7.73
N ALA A 97 9.24 4.89 7.06
CA ALA A 97 9.16 4.80 5.61
C ALA A 97 10.03 5.86 4.96
N LYS A 98 10.30 6.90 5.73
CA LYS A 98 11.15 8.00 5.29
C LYS A 98 12.54 7.51 4.87
N GLY A 99 12.94 6.38 5.44
CA GLY A 99 14.26 5.84 5.19
C GLY A 99 14.47 5.36 3.76
N LEU A 100 13.42 4.84 3.13
CA LEU A 100 13.57 4.27 1.80
C LEU A 100 13.60 5.35 0.72
N GLY A 101 13.06 6.52 1.05
CA GLY A 101 13.06 7.69 0.16
C GLY A 101 13.02 7.34 -1.33
N CYS A 102 11.94 6.71 -1.76
CA CYS A 102 11.86 6.24 -3.13
C CYS A 102 11.15 7.24 -4.02
N GLY A 103 11.95 7.97 -4.79
CA GLY A 103 11.43 8.91 -5.76
C GLY A 103 10.65 10.04 -5.11
N VAL A 104 9.36 10.12 -5.43
CA VAL A 104 8.50 11.12 -4.83
C VAL A 104 8.02 10.62 -3.46
N GLY A 105 8.93 10.67 -2.50
CA GLY A 105 8.62 10.29 -1.14
C GLY A 105 9.22 11.26 -0.16
N SER A 106 9.70 10.76 0.97
CA SER A 106 10.33 11.62 1.96
C SER A 106 11.72 12.01 1.49
N HIS A 107 11.87 13.29 1.15
CA HIS A 107 13.11 13.81 0.58
C HIS A 107 13.37 13.18 -0.79
N HIS A 1 -22.89 -12.30 -7.99
CA HIS A 1 -23.17 -10.85 -8.03
C HIS A 1 -22.20 -10.10 -7.14
N GLU A 2 -22.28 -10.34 -5.83
CA GLU A 2 -21.37 -9.71 -4.89
C GLU A 2 -20.19 -10.62 -4.61
N ALA A 3 -19.37 -10.79 -5.61
CA ALA A 3 -18.17 -11.61 -5.50
C ALA A 3 -17.11 -11.13 -6.48
N ASP A 4 -16.04 -10.56 -5.95
CA ASP A 4 -14.97 -10.04 -6.79
C ASP A 4 -13.98 -11.14 -7.14
N VAL A 5 -13.38 -11.03 -8.31
CA VAL A 5 -12.50 -12.07 -8.82
C VAL A 5 -11.02 -11.67 -8.70
N GLY A 6 -10.67 -11.03 -7.58
CA GLY A 6 -9.28 -10.70 -7.34
C GLY A 6 -8.46 -11.92 -7.01
N GLY A 7 -7.73 -12.35 -8.00
CA GLY A 7 -6.87 -13.52 -7.86
C GLY A 7 -5.48 -13.13 -7.43
N ILE A 8 -5.22 -11.84 -7.42
CA ILE A 8 -3.94 -11.32 -6.96
C ILE A 8 -3.95 -11.21 -5.44
N PHE A 9 -3.17 -12.07 -4.81
CA PHE A 9 -3.08 -12.09 -3.36
C PHE A 9 -1.70 -11.61 -2.93
N VAL A 10 -1.65 -10.50 -2.23
CA VAL A 10 -0.38 -9.97 -1.76
C VAL A 10 -0.37 -9.98 -0.23
N LYS A 11 0.81 -10.10 0.34
CA LYS A 11 0.95 -10.19 1.78
C LYS A 11 1.21 -8.82 2.35
N VAL A 12 0.48 -8.49 3.41
CA VAL A 12 0.72 -7.28 4.17
C VAL A 12 0.37 -7.48 5.62
N SER A 13 1.34 -7.25 6.47
CA SER A 13 1.08 -7.05 7.89
C SER A 13 2.25 -6.34 8.51
N MET A 14 2.08 -5.10 8.95
CA MET A 14 3.19 -4.47 9.63
C MET A 14 2.81 -3.17 10.34
N ASP A 15 3.40 -2.97 11.53
CA ASP A 15 3.44 -1.64 12.14
C ASP A 15 4.79 -1.38 12.82
N GLY A 16 5.81 -1.08 12.01
CA GLY A 16 7.13 -0.79 12.54
C GLY A 16 7.97 -2.03 12.70
N ALA A 17 7.31 -3.13 12.97
CA ALA A 17 7.95 -4.43 13.11
C ALA A 17 7.36 -5.39 12.09
N PRO A 18 8.12 -6.37 11.60
CA PRO A 18 7.66 -7.27 10.53
C PRO A 18 6.59 -8.28 10.99
N TYR A 19 5.49 -8.35 10.24
CA TYR A 19 4.41 -9.31 10.48
C TYR A 19 4.01 -9.95 9.15
N LEU A 20 3.14 -10.97 9.19
CA LEU A 20 2.67 -11.61 7.97
C LEU A 20 1.16 -11.87 7.97
N ARG A 21 0.43 -11.04 7.23
CA ARG A 21 -0.97 -11.27 6.89
C ARG A 21 -1.11 -11.09 5.39
N LYS A 22 -2.27 -11.37 4.81
CA LYS A 22 -2.45 -11.11 3.39
C LYS A 22 -3.82 -10.51 3.11
N ILE A 23 -3.90 -9.67 2.07
CA ILE A 23 -5.16 -9.18 1.56
C ILE A 23 -5.24 -9.37 0.06
N ASP A 24 -6.40 -9.04 -0.49
CA ASP A 24 -6.66 -9.25 -1.90
C ASP A 24 -6.71 -7.90 -2.58
N LEU A 25 -5.88 -7.74 -3.61
CA LEU A 25 -5.61 -6.42 -4.17
C LEU A 25 -6.80 -5.90 -4.97
N ARG A 26 -7.39 -6.75 -5.80
CA ARG A 26 -8.42 -6.31 -6.73
C ARG A 26 -9.78 -6.13 -6.08
N VAL A 27 -10.01 -6.80 -4.95
CA VAL A 27 -11.34 -6.82 -4.33
C VAL A 27 -11.76 -5.44 -3.85
N TYR A 28 -10.81 -4.51 -3.83
CA TYR A 28 -11.09 -3.14 -3.41
C TYR A 28 -11.64 -2.34 -4.59
N GLY A 29 -11.24 -2.76 -5.78
CA GLY A 29 -11.75 -2.18 -7.02
C GLY A 29 -11.54 -0.69 -7.15
N GLY A 30 -10.67 -0.14 -6.31
CA GLY A 30 -10.43 1.28 -6.29
C GLY A 30 -9.66 1.69 -5.06
N TYR A 31 -9.22 2.94 -5.04
CA TYR A 31 -8.38 3.44 -3.96
C TYR A 31 -9.15 3.60 -2.65
N SER A 32 -10.43 3.93 -2.75
CA SER A 32 -11.25 4.17 -1.55
C SER A 32 -11.28 2.95 -0.66
N GLU A 33 -11.67 1.81 -1.22
CA GLU A 33 -11.75 0.57 -0.48
C GLU A 33 -10.36 0.02 -0.18
N LEU A 34 -9.42 0.31 -1.07
CA LEU A 34 -8.03 -0.10 -0.88
C LEU A 34 -7.47 0.51 0.40
N LEU A 35 -7.55 1.83 0.49
CA LEU A 35 -7.04 2.58 1.63
C LEU A 35 -7.83 2.25 2.89
N LYS A 36 -9.12 2.05 2.71
CA LYS A 36 -10.04 1.79 3.81
C LYS A 36 -9.72 0.47 4.51
N ALA A 37 -9.24 -0.49 3.73
CA ALA A 37 -8.91 -1.81 4.28
C ALA A 37 -7.63 -1.74 5.11
N LEU A 38 -6.72 -0.86 4.71
CA LEU A 38 -5.46 -0.68 5.43
C LEU A 38 -5.74 -0.09 6.79
N GLU A 39 -6.49 0.99 6.80
CA GLU A 39 -6.96 1.60 8.04
C GLU A 39 -7.65 0.55 8.90
N THR A 40 -8.28 -0.41 8.22
CA THR A 40 -8.96 -1.50 8.88
C THR A 40 -7.98 -2.48 9.51
N MET A 41 -6.83 -2.67 8.87
CA MET A 41 -5.90 -3.73 9.26
C MET A 41 -5.35 -3.50 10.66
N PHE A 42 -4.72 -2.36 10.88
CA PHE A 42 -4.10 -2.06 12.16
C PHE A 42 -4.86 -1.01 12.94
N LYS A 43 -6.08 -0.73 12.48
CA LYS A 43 -7.05 0.09 13.21
C LYS A 43 -6.56 1.53 13.41
N LEU A 44 -6.17 2.19 12.33
CA LEU A 44 -5.67 3.55 12.42
C LEU A 44 -5.96 4.33 11.13
N THR A 45 -5.43 5.55 11.02
CA THR A 45 -5.75 6.42 9.89
C THR A 45 -4.65 6.39 8.83
N ILE A 46 -5.05 6.15 7.58
CA ILE A 46 -4.13 6.22 6.45
C ILE A 46 -4.39 7.48 5.65
N GLY A 47 -3.32 8.19 5.31
CA GLY A 47 -3.45 9.31 4.42
C GLY A 47 -3.23 8.89 2.99
N GLU A 48 -4.03 9.45 2.10
CA GLU A 48 -4.04 9.04 0.69
C GLU A 48 -2.78 9.48 -0.04
N TYR A 49 -2.73 9.16 -1.31
CA TYR A 49 -1.60 9.51 -2.16
C TYR A 49 -1.62 11.00 -2.47
N SER A 50 -1.10 11.78 -1.54
CA SER A 50 -0.91 13.21 -1.74
C SER A 50 0.12 13.42 -2.84
N GLU A 51 -0.28 14.02 -3.95
CA GLU A 51 0.56 14.08 -5.14
C GLU A 51 1.90 14.78 -4.88
N ARG A 52 1.95 15.56 -3.80
CA ARG A 52 3.14 16.33 -3.46
C ARG A 52 4.32 15.43 -3.04
N GLU A 53 4.11 14.49 -2.11
CA GLU A 53 5.15 13.53 -1.73
C GLU A 53 4.71 12.09 -2.01
N GLY A 54 3.41 11.91 -1.96
CA GLY A 54 2.72 10.64 -2.12
C GLY A 54 3.29 9.46 -1.36
N TYR A 55 4.24 9.66 -0.47
CA TYR A 55 4.77 8.54 0.30
C TYR A 55 4.74 8.83 1.79
N LYS A 56 4.09 9.92 2.18
CA LYS A 56 4.18 10.37 3.55
C LYS A 56 3.33 9.48 4.46
N GLY A 57 2.33 8.84 3.86
CA GLY A 57 1.38 8.04 4.60
C GLY A 57 0.60 8.81 5.66
N SER A 58 0.98 10.06 5.90
CA SER A 58 0.46 10.86 7.00
C SER A 58 0.97 10.28 8.33
N GLU A 59 0.45 9.13 8.74
CA GLU A 59 1.08 8.36 9.80
C GLU A 59 1.49 6.97 9.31
N TYR A 60 0.79 6.44 8.31
CA TYR A 60 1.16 5.16 7.73
C TYR A 60 1.13 5.21 6.22
N ALA A 61 2.24 4.85 5.62
CA ALA A 61 2.35 4.84 4.17
C ALA A 61 2.23 3.42 3.65
N PRO A 62 1.09 3.08 3.04
CA PRO A 62 0.91 1.79 2.39
C PRO A 62 1.76 1.67 1.14
N THR A 63 2.65 0.71 1.12
CA THR A 63 3.56 0.56 0.01
C THR A 63 3.49 -0.85 -0.55
N TYR A 64 3.99 -0.99 -1.76
CA TYR A 64 3.96 -2.26 -2.44
C TYR A 64 5.32 -2.55 -3.03
N GLU A 65 5.54 -3.79 -3.43
CA GLU A 65 6.81 -4.17 -4.02
C GLU A 65 6.65 -4.43 -5.50
N ASP A 66 7.32 -3.61 -6.31
CA ASP A 66 7.31 -3.78 -7.76
C ASP A 66 8.31 -4.87 -8.16
N LYS A 67 8.49 -5.12 -9.45
CA LYS A 67 9.27 -6.24 -9.93
C LYS A 67 10.74 -6.14 -9.52
N ASP A 68 11.30 -4.94 -9.55
CA ASP A 68 12.69 -4.73 -9.18
C ASP A 68 12.85 -4.62 -7.67
N GLY A 69 11.73 -4.70 -6.97
CA GLY A 69 11.77 -4.58 -5.52
C GLY A 69 11.60 -3.14 -5.07
N ASP A 70 10.98 -2.33 -5.91
CA ASP A 70 10.73 -0.93 -5.59
C ASP A 70 9.51 -0.80 -4.71
N TRP A 71 9.64 -0.09 -3.59
CA TRP A 71 8.52 0.12 -2.69
C TRP A 71 8.06 1.56 -2.73
N MET A 72 6.85 1.77 -3.21
CA MET A 72 6.21 3.07 -3.21
C MET A 72 4.78 2.91 -2.74
N LEU A 73 4.05 4.00 -2.61
CA LEU A 73 2.67 3.92 -2.15
C LEU A 73 1.78 3.26 -3.19
N VAL A 74 0.70 2.68 -2.73
CA VAL A 74 -0.29 2.10 -3.61
C VAL A 74 -1.16 3.19 -4.22
N GLY A 75 -1.20 3.21 -5.53
CA GLY A 75 -1.85 4.29 -6.24
C GLY A 75 -0.84 5.15 -6.98
N ASP A 76 0.42 4.73 -6.91
CA ASP A 76 1.49 5.41 -7.62
C ASP A 76 1.25 5.33 -9.13
N VAL A 77 1.13 4.12 -9.64
CA VAL A 77 0.76 3.91 -11.03
C VAL A 77 -0.73 3.57 -11.10
N PRO A 78 -1.40 3.83 -12.24
CA PRO A 78 -2.84 3.60 -12.40
C PRO A 78 -3.25 2.16 -12.07
N TRP A 79 -4.36 2.04 -11.34
CA TRP A 79 -4.86 0.76 -10.82
C TRP A 79 -4.72 -0.41 -11.79
N ASP A 80 -5.23 -0.25 -13.01
CA ASP A 80 -5.20 -1.32 -14.01
C ASP A 80 -3.80 -1.90 -14.19
N MET A 81 -2.81 -1.02 -14.23
CA MET A 81 -1.43 -1.43 -14.39
C MET A 81 -0.82 -1.80 -13.04
N PHE A 82 -1.41 -1.25 -11.99
CA PHE A 82 -0.86 -1.39 -10.65
C PHE A 82 -0.98 -2.81 -10.13
N VAL A 83 -2.09 -3.46 -10.45
CA VAL A 83 -2.38 -4.76 -9.88
C VAL A 83 -1.33 -5.79 -10.26
N THR A 84 -0.91 -5.76 -11.52
CA THR A 84 0.09 -6.67 -12.00
C THR A 84 1.49 -6.21 -11.58
N SER A 85 1.56 -4.97 -11.13
CA SER A 85 2.81 -4.37 -10.67
C SER A 85 3.10 -4.80 -9.23
N CYS A 86 2.06 -5.02 -8.44
CA CYS A 86 2.23 -5.34 -7.03
C CYS A 86 2.43 -6.82 -6.80
N LYS A 87 3.45 -7.12 -6.01
CA LYS A 87 3.81 -8.50 -5.68
C LYS A 87 3.71 -8.71 -4.17
N ARG A 88 4.09 -7.68 -3.42
CA ARG A 88 4.10 -7.73 -1.97
C ARG A 88 3.58 -6.40 -1.44
N LEU A 89 3.01 -6.41 -0.25
CA LEU A 89 2.39 -5.24 0.30
C LEU A 89 2.86 -4.97 1.73
N ARG A 90 3.32 -3.78 2.01
CA ARG A 90 3.61 -3.40 3.37
C ARG A 90 3.21 -1.98 3.64
N ILE A 91 2.47 -1.78 4.71
CA ILE A 91 2.07 -0.46 5.14
C ILE A 91 2.83 -0.12 6.38
N MET A 92 3.41 1.05 6.43
CA MET A 92 4.35 1.36 7.48
C MET A 92 4.21 2.75 8.05
N LYS A 93 4.39 2.82 9.38
CA LYS A 93 4.42 4.07 10.10
C LYS A 93 5.37 5.06 9.42
N GLY A 94 4.96 6.32 9.40
CA GLY A 94 5.62 7.34 8.60
C GLY A 94 7.10 7.47 8.85
N THR A 95 7.49 7.15 10.07
CA THR A 95 8.90 7.22 10.48
C THR A 95 9.76 6.20 9.72
N GLU A 96 9.09 5.26 9.04
CA GLU A 96 9.79 4.23 8.28
C GLU A 96 9.80 4.55 6.78
N ALA A 97 8.63 4.82 6.22
CA ALA A 97 8.46 4.98 4.78
C ALA A 97 9.19 6.21 4.24
N LYS A 98 9.42 7.17 5.11
CA LYS A 98 10.06 8.43 4.73
C LYS A 98 11.43 8.21 4.08
N GLY A 99 12.10 7.13 4.46
CA GLY A 99 13.44 6.89 3.97
C GLY A 99 13.49 6.29 2.58
N LEU A 100 12.54 5.41 2.27
CA LEU A 100 12.57 4.68 1.01
C LEU A 100 11.56 5.20 0.00
N GLY A 101 11.02 6.37 0.27
CA GLY A 101 10.10 7.01 -0.67
C GLY A 101 10.81 7.44 -1.96
N CYS A 102 11.23 6.46 -2.74
CA CYS A 102 11.95 6.71 -3.98
C CYS A 102 10.98 6.99 -5.12
N GLY A 103 10.70 8.26 -5.32
CA GLY A 103 9.80 8.67 -6.35
C GLY A 103 9.65 10.17 -6.40
N VAL A 104 9.07 10.73 -5.35
CA VAL A 104 8.88 12.17 -5.27
C VAL A 104 9.74 12.77 -4.16
N GLY A 105 10.64 11.93 -3.64
CA GLY A 105 11.49 12.32 -2.54
C GLY A 105 10.72 12.73 -1.30
N SER A 106 10.01 11.78 -0.71
CA SER A 106 9.19 12.08 0.45
C SER A 106 10.07 12.28 1.67
N HIS A 107 9.86 13.39 2.37
CA HIS A 107 10.67 13.72 3.53
C HIS A 107 9.85 13.54 4.80
#